data_3KBU
#
_entry.id   3KBU
#
_cell.length_a   90.130
_cell.length_b   98.540
_cell.length_c   137.930
_cell.angle_alpha   90.00
_cell.angle_beta   90.00
_cell.angle_gamma   90.00
#
_symmetry.space_group_name_H-M   'P 21 21 21'
#
loop_
_entity.id
_entity.type
_entity.pdbx_description
1 polymer 'Spectrin beta chain, erythrocyte'
2 polymer Ankyrin-1
3 non-polymer 'MERCURY (II) ION'
#
loop_
_entity_poly.entity_id
_entity_poly.type
_entity_poly.pdbx_seq_one_letter_code
_entity_poly.pdbx_strand_id
1 'polypeptide(L)'
;SNANEAQQYYLDADEAEAWIGEQELYVISDEIPKDEEGAIVMLKRHLRQQRAVEDYGRNIKQLASRAQGLLSAGHPEGEQ
IIRLQGQVDKHYAGLKDVACERKRKLENMYHLFQLKRETDDLEQWISEKELVASSPEMGQDFDHVTLLRDKFRDFARETG
AIGQERVDNVNAFIERLIDAGHSEAATIAEWKDGLNEMWADLLELIDTRMQLLAASYDLHRYFYTGAEILGLIDEKHREL
PEDVGLDASTAESFHRVHTAFERDVHLLGVQVQQFQDVATRLQTAYAGEKAEAIQNKEQEVSAAWQALLDACAGRRTQLV
DTADKF
;
A,B
2 'polypeptide(L)'
;SNATGFLVSFMVDARGGSMRGSRHNGLRVVIPPRTCAAPTRITCRLVKPQKLSTPPPLAEEEGLASRIIALGPTGAQFLS
PVIVEIPHFASHGRGDRELVVLRSENGSVWKEHRSRYGESYLDQILNGMDEELGSLEELEKKRVCRIITTDFPLYFVIMS
R
;
C,D
#
loop_
_chem_comp.id
_chem_comp.type
_chem_comp.name
_chem_comp.formula
HG non-polymer 'MERCURY (II) ION' 'Hg 2'
#
# COMPACT_ATOMS: atom_id res chain seq x y z
N ASN A 4 -50.68 40.08 47.04
CA ASN A 4 -51.64 39.25 46.20
C ASN A 4 -51.11 39.02 44.79
N GLU A 5 -51.05 40.07 43.96
CA GLU A 5 -50.23 40.01 42.75
C GLU A 5 -48.79 39.93 43.21
N ALA A 6 -48.47 40.68 44.25
CA ALA A 6 -47.16 40.71 44.87
C ALA A 6 -46.66 39.34 45.38
N GLN A 7 -47.44 38.68 46.25
CA GLN A 7 -47.11 37.36 46.77
C GLN A 7 -46.78 36.41 45.63
N GLN A 8 -47.59 36.48 44.57
CA GLN A 8 -47.42 35.65 43.38
C GLN A 8 -46.11 35.95 42.66
N TYR A 9 -45.81 37.23 42.50
CA TYR A 9 -44.57 37.65 41.89
C TYR A 9 -43.38 37.00 42.66
N TYR A 10 -43.40 36.99 43.98
CA TYR A 10 -42.31 36.38 44.75
C TYR A 10 -42.19 34.86 44.53
N LEU A 11 -43.32 34.16 44.59
CA LEU A 11 -43.28 32.74 44.38
C LEU A 11 -42.69 32.48 43.04
N ASP A 12 -43.14 33.21 42.03
CA ASP A 12 -42.63 33.05 40.65
C ASP A 12 -41.15 33.42 40.50
N ALA A 13 -40.69 34.48 41.14
CA ALA A 13 -39.29 34.82 41.10
C ALA A 13 -38.40 33.71 41.75
N ASP A 14 -38.78 33.21 42.93
CA ASP A 14 -38.04 32.13 43.56
C ASP A 14 -37.99 30.95 42.62
N GLU A 15 -39.07 30.71 41.92
CA GLU A 15 -39.13 29.55 41.01
C GLU A 15 -38.09 29.62 39.89
N ALA A 16 -38.04 30.76 39.21
CA ALA A 16 -37.11 31.02 38.15
C ALA A 16 -35.69 30.96 38.69
N GLU A 17 -35.39 31.66 39.78
CA GLU A 17 -34.06 31.58 40.39
C GLU A 17 -33.69 30.12 40.62
N ALA A 18 -34.59 29.35 41.20
CA ALA A 18 -34.25 27.95 41.45
C ALA A 18 -33.99 27.23 40.12
N TRP A 19 -34.73 27.62 39.09
CA TRP A 19 -34.59 26.97 37.79
C TRP A 19 -33.23 27.30 37.16
N ILE A 20 -32.88 28.59 37.12
CA ILE A 20 -31.56 28.98 36.67
C ILE A 20 -30.46 28.30 37.52
N GLY A 21 -30.62 28.24 38.83
CA GLY A 21 -29.56 27.64 39.65
C GLY A 21 -29.22 26.25 39.18
N GLU A 22 -30.29 25.49 39.03
CA GLU A 22 -30.23 24.10 38.67
C GLU A 22 -29.61 23.91 37.27
N GLN A 23 -29.94 24.75 36.29
CA GLN A 23 -29.35 24.61 34.96
C GLN A 23 -27.88 24.85 35.01
N GLU A 24 -27.49 25.94 35.69
CA GLU A 24 -26.12 26.42 35.71
C GLU A 24 -25.19 25.47 36.39
N LEU A 25 -25.57 24.95 37.56
CA LEU A 25 -24.72 24.05 38.32
C LEU A 25 -24.87 22.55 38.10
N TYR A 26 -26.07 22.10 37.74
CA TYR A 26 -26.32 20.63 37.62
C TYR A 26 -26.73 20.09 36.23
N VAL A 27 -27.55 20.78 35.48
CA VAL A 27 -27.85 20.34 34.13
C VAL A 27 -26.66 20.51 33.16
N ILE A 28 -26.09 21.71 33.07
CA ILE A 28 -24.94 21.96 32.20
C ILE A 28 -23.69 21.38 32.82
N SER A 29 -22.77 20.89 31.99
CA SER A 29 -21.70 19.98 32.41
C SER A 29 -20.30 20.53 32.12
N ASP A 30 -19.28 20.06 32.85
CA ASP A 30 -17.93 20.46 32.54
C ASP A 30 -17.14 19.43 31.78
N GLU A 31 -17.73 18.33 31.39
CA GLU A 31 -16.97 17.23 30.88
C GLU A 31 -16.27 17.65 29.64
N ILE A 32 -15.11 17.03 29.43
CA ILE A 32 -14.25 17.24 28.30
C ILE A 32 -14.25 15.98 27.45
N PRO A 33 -14.66 16.12 26.20
CA PRO A 33 -14.85 14.95 25.36
C PRO A 33 -13.51 14.22 25.11
N LYS A 34 -13.55 12.89 25.21
CA LYS A 34 -12.35 12.04 24.97
C LYS A 34 -11.91 11.97 23.48
N ASP A 35 -12.86 11.84 22.55
CA ASP A 35 -12.57 11.66 21.15
C ASP A 35 -13.60 12.46 20.33
N GLU A 36 -13.57 12.32 19.00
CA GLU A 36 -14.46 13.02 18.11
C GLU A 36 -15.89 12.58 18.42
N GLU A 37 -16.07 11.28 18.58
CA GLU A 37 -17.37 10.70 18.86
C GLU A 37 -17.98 11.23 20.17
N GLY A 38 -17.18 11.29 21.23
CA GLY A 38 -17.62 11.85 22.50
C GLY A 38 -17.99 13.34 22.45
N ALA A 39 -17.28 14.09 21.60
CA ALA A 39 -17.59 15.47 21.40
C ALA A 39 -18.92 15.61 20.73
N ILE A 40 -19.19 14.79 19.70
CA ILE A 40 -20.45 14.83 18.94
C ILE A 40 -21.64 14.66 19.90
N VAL A 41 -21.54 13.62 20.70
CA VAL A 41 -22.47 13.36 21.71
C VAL A 41 -22.68 14.54 22.66
N MET A 42 -21.62 15.11 23.16
CA MET A 42 -21.74 16.21 24.10
C MET A 42 -22.27 17.48 23.46
N LEU A 43 -21.94 17.71 22.23
CA LEU A 43 -22.36 18.93 21.61
C LEU A 43 -23.88 18.87 21.34
N LYS A 44 -24.36 17.69 20.94
CA LYS A 44 -25.78 17.46 20.67
C LYS A 44 -26.54 17.69 21.99
N ARG A 45 -26.08 17.10 23.07
CA ARG A 45 -26.73 17.23 24.34
C ARG A 45 -26.73 18.66 24.81
N HIS A 46 -25.60 19.32 24.70
CA HIS A 46 -25.52 20.73 25.05
C HIS A 46 -26.41 21.63 24.17
N LEU A 47 -26.57 21.38 22.89
CA LEU A 47 -27.47 22.25 22.15
C LEU A 47 -28.93 22.11 22.56
N ARG A 48 -29.39 20.93 22.94
CA ARG A 48 -30.77 20.75 23.46
C ARG A 48 -30.87 21.57 24.74
N GLN A 49 -29.87 21.45 25.59
CA GLN A 49 -29.89 22.14 26.88
C GLN A 49 -29.89 23.64 26.71
N GLN A 50 -29.06 24.13 25.79
CA GLN A 50 -29.03 25.53 25.44
C GLN A 50 -30.37 25.96 24.80
N ARG A 51 -31.03 25.11 24.01
CA ARG A 51 -32.34 25.47 23.50
C ARG A 51 -33.32 25.67 24.63
N ALA A 52 -33.20 24.86 25.68
CA ALA A 52 -34.09 24.95 26.84
C ALA A 52 -33.88 26.25 27.61
N VAL A 53 -32.63 26.61 27.79
CA VAL A 53 -32.28 27.87 28.43
C VAL A 53 -32.90 29.08 27.67
N GLU A 54 -32.76 29.03 26.34
CA GLU A 54 -33.25 30.05 25.42
C GLU A 54 -34.75 30.22 25.61
N ASP A 55 -35.52 29.13 25.58
CA ASP A 55 -36.96 29.14 25.78
C ASP A 55 -37.39 29.73 27.10
N TYR A 56 -36.61 29.53 28.15
CA TYR A 56 -37.00 30.02 29.46
C TYR A 56 -37.05 31.52 29.41
N GLY A 57 -36.33 32.09 28.46
CA GLY A 57 -36.33 33.52 28.22
C GLY A 57 -37.73 34.14 28.23
N ARG A 58 -38.73 33.37 27.78
CA ARG A 58 -40.11 33.78 27.82
C ARG A 58 -40.53 34.10 29.25
N ASN A 59 -40.33 33.15 30.16
CA ASN A 59 -40.69 33.35 31.58
C ASN A 59 -40.07 34.60 32.13
N ILE A 60 -38.78 34.77 31.88
CA ILE A 60 -38.03 35.86 32.42
C ILE A 60 -38.63 37.19 32.01
N LYS A 61 -38.98 37.29 30.73
CA LYS A 61 -39.59 38.50 30.17
C LYS A 61 -40.96 38.73 30.80
N GLN A 62 -41.79 37.70 30.89
CA GLN A 62 -43.11 37.78 31.55
C GLN A 62 -42.96 38.27 33.01
N LEU A 63 -41.97 37.76 33.73
CA LEU A 63 -41.71 38.24 35.05
C LEU A 63 -41.35 39.71 35.05
N ALA A 64 -40.52 40.15 34.12
CA ALA A 64 -40.09 41.53 34.03
C ALA A 64 -41.27 42.43 33.73
N SER A 65 -42.11 42.00 32.83
CA SER A 65 -43.26 42.78 32.47
C SER A 65 -44.23 42.89 33.68
N ARG A 66 -44.39 41.80 34.42
CA ARG A 66 -45.22 41.80 35.62
C ARG A 66 -44.68 42.72 36.70
N ALA A 67 -43.35 42.69 36.87
CA ALA A 67 -42.71 43.51 37.89
C ALA A 67 -42.84 44.97 37.55
N GLN A 68 -42.61 45.30 36.28
CA GLN A 68 -42.77 46.67 35.80
C GLN A 68 -44.22 47.18 36.03
N GLY A 69 -45.21 46.29 35.82
CA GLY A 69 -46.61 46.58 36.05
C GLY A 69 -46.84 46.92 37.51
N LEU A 70 -46.30 46.08 38.39
CA LEU A 70 -46.38 46.31 39.81
C LEU A 70 -45.70 47.62 40.24
N LEU A 71 -44.50 47.92 39.76
CA LEU A 71 -43.87 49.20 40.13
C LEU A 71 -44.70 50.37 39.61
N SER A 72 -45.01 50.37 38.32
CA SER A 72 -45.78 51.47 37.69
C SER A 72 -47.17 51.67 38.32
N ALA A 73 -47.74 50.60 38.89
CA ALA A 73 -49.01 50.64 39.64
C ALA A 73 -48.90 51.25 41.06
N GLY A 74 -47.73 51.79 41.40
CA GLY A 74 -47.50 52.33 42.74
C GLY A 74 -47.56 51.38 43.95
N HIS A 75 -47.39 50.07 43.73
CA HIS A 75 -47.35 49.07 44.81
C HIS A 75 -46.26 49.43 45.77
N PRO A 76 -46.53 49.31 47.10
CA PRO A 76 -45.61 49.70 48.15
C PRO A 76 -44.26 48.99 48.08
N GLU A 77 -44.25 47.78 47.56
CA GLU A 77 -43.00 47.03 47.40
C GLU A 77 -42.24 47.25 46.06
N GLY A 78 -42.73 48.16 45.20
CA GLY A 78 -42.09 48.45 43.91
C GLY A 78 -40.55 48.45 43.92
N GLU A 79 -39.97 49.12 44.90
CA GLU A 79 -38.52 49.09 45.14
C GLU A 79 -38.02 47.62 45.33
N GLN A 80 -38.62 46.87 46.24
CA GLN A 80 -38.25 45.47 46.46
C GLN A 80 -38.42 44.64 45.18
N ILE A 81 -39.57 44.75 44.52
CA ILE A 81 -39.85 43.95 43.32
C ILE A 81 -38.91 44.19 42.14
N ILE A 82 -38.64 45.46 41.82
CA ILE A 82 -37.69 45.81 40.78
C ILE A 82 -36.28 45.24 41.09
N ARG A 83 -35.85 45.36 42.33
CA ARG A 83 -34.56 44.84 42.73
C ARG A 83 -34.50 43.31 42.49
N LEU A 84 -35.56 42.59 42.82
CA LEU A 84 -35.65 41.14 42.66
C LEU A 84 -35.58 40.77 41.18
N GLN A 85 -36.30 41.52 40.34
CA GLN A 85 -36.23 41.32 38.91
C GLN A 85 -34.76 41.57 38.43
N GLY A 86 -34.12 42.62 38.96
CA GLY A 86 -32.76 42.96 38.60
C GLY A 86 -31.90 41.70 38.78
N GLN A 87 -32.17 40.96 39.86
CA GLN A 87 -31.47 39.73 40.15
C GLN A 87 -31.83 38.55 39.23
N VAL A 88 -33.09 38.44 38.85
CA VAL A 88 -33.45 37.34 38.02
C VAL A 88 -32.79 37.55 36.70
N ASP A 89 -32.85 38.77 36.18
CA ASP A 89 -32.23 39.12 34.89
C ASP A 89 -30.74 38.84 34.93
N LYS A 90 -30.08 39.31 35.98
CA LYS A 90 -28.66 39.12 36.02
C LYS A 90 -28.36 37.62 35.98
N HIS A 91 -28.91 36.85 36.90
CA HIS A 91 -28.65 35.43 36.93
C HIS A 91 -28.99 34.73 35.63
N TYR A 92 -30.05 35.15 34.97
CA TYR A 92 -30.38 34.53 33.73
C TYR A 92 -29.32 34.82 32.68
N ALA A 93 -28.83 36.06 32.61
CA ALA A 93 -27.81 36.43 31.62
C ALA A 93 -26.52 35.65 31.91
N GLY A 94 -26.27 35.39 33.19
CA GLY A 94 -25.12 34.62 33.63
C GLY A 94 -25.19 33.21 33.08
N LEU A 95 -26.34 32.56 33.26
CA LEU A 95 -26.57 31.26 32.74
C LEU A 95 -26.38 31.27 31.22
N LYS A 96 -26.89 32.28 30.53
CA LYS A 96 -26.66 32.41 29.06
C LYS A 96 -25.16 32.49 28.71
N ASP A 97 -24.36 33.18 29.51
CA ASP A 97 -22.91 33.22 29.29
C ASP A 97 -22.29 31.85 29.54
N VAL A 98 -22.65 31.17 30.62
CA VAL A 98 -22.05 29.88 30.85
C VAL A 98 -22.35 28.97 29.66
N ALA A 99 -23.58 28.97 29.20
CA ALA A 99 -23.93 28.11 28.05
C ALA A 99 -23.21 28.41 26.74
N CYS A 100 -22.93 29.68 26.44
CA CYS A 100 -22.24 30.03 25.21
C CYS A 100 -20.81 29.62 25.31
N GLU A 101 -20.20 29.88 26.44
CA GLU A 101 -18.82 29.58 26.63
C GLU A 101 -18.60 28.10 26.38
N ARG A 102 -19.42 27.27 27.02
CA ARG A 102 -19.34 25.82 26.93
C ARG A 102 -19.53 25.38 25.48
N LYS A 103 -20.49 25.99 24.81
CA LYS A 103 -20.71 25.69 23.40
C LYS A 103 -19.51 26.07 22.54
N ARG A 104 -18.90 27.22 22.82
CA ARG A 104 -17.69 27.62 22.11
C ARG A 104 -16.68 26.51 22.35
N LYS A 105 -16.49 26.13 23.61
CA LYS A 105 -15.47 25.11 23.93
C LYS A 105 -15.71 23.77 23.26
N LEU A 106 -16.96 23.31 23.21
CA LEU A 106 -17.23 22.00 22.60
C LEU A 106 -17.10 22.07 21.10
N GLU A 107 -17.52 23.16 20.51
CA GLU A 107 -17.30 23.29 19.09
C GLU A 107 -15.79 23.14 18.78
N ASN A 108 -14.96 23.90 19.49
CA ASN A 108 -13.53 23.82 19.33
C ASN A 108 -13.02 22.41 19.51
N MET A 109 -13.41 21.77 20.60
CA MET A 109 -12.86 20.46 20.81
C MET A 109 -13.24 19.53 19.71
N TYR A 110 -14.44 19.69 19.21
CA TYR A 110 -14.94 18.83 18.18
C TYR A 110 -14.22 19.12 16.88
N HIS A 111 -14.09 20.39 16.51
CA HIS A 111 -13.37 20.70 15.26
C HIS A 111 -11.96 20.30 15.26
N LEU A 112 -11.34 20.46 16.38
CA LEU A 112 -9.96 20.10 16.38
C LEU A 112 -9.84 18.61 16.17
N PHE A 113 -10.75 17.82 16.76
CA PHE A 113 -10.73 16.35 16.59
C PHE A 113 -10.98 15.91 15.17
N GLN A 114 -12.00 16.53 14.55
CA GLN A 114 -12.38 16.26 13.17
C GLN A 114 -11.18 16.54 12.30
N LEU A 115 -10.66 17.76 12.38
CA LEU A 115 -9.50 18.15 11.58
C LEU A 115 -8.29 17.24 11.77
N LYS A 116 -7.97 16.90 13.02
CA LYS A 116 -6.85 15.98 13.25
C LYS A 116 -7.06 14.62 12.59
N ARG A 117 -8.28 14.14 12.50
CA ARG A 117 -8.51 12.86 11.83
C ARG A 117 -8.30 13.07 10.34
N GLU A 118 -8.85 14.14 9.81
CA GLU A 118 -8.78 14.36 8.39
C GLU A 118 -7.35 14.47 7.92
N THR A 119 -6.57 15.22 8.71
CA THR A 119 -5.17 15.46 8.46
C THR A 119 -4.34 14.18 8.59
N ASP A 120 -4.51 13.46 9.70
CA ASP A 120 -3.71 12.25 9.85
C ASP A 120 -3.94 11.30 8.67
N ASP A 121 -5.19 11.19 8.23
CA ASP A 121 -5.54 10.26 7.14
C ASP A 121 -4.93 10.67 5.82
N LEU A 122 -5.08 11.95 5.51
CA LEU A 122 -4.50 12.52 4.30
C LEU A 122 -2.98 12.41 4.30
N GLU A 123 -2.35 12.59 5.45
CA GLU A 123 -0.90 12.44 5.52
C GLU A 123 -0.52 10.97 5.39
N GLN A 124 -1.26 10.07 6.02
CA GLN A 124 -0.94 8.63 5.88
C GLN A 124 -1.04 8.22 4.41
N TRP A 125 -2.03 8.79 3.72
CA TRP A 125 -2.29 8.54 2.32
C TRP A 125 -1.08 8.96 1.50
N ILE A 126 -0.66 10.20 1.68
CA ILE A 126 0.51 10.72 1.03
C ILE A 126 1.70 9.76 1.22
N SER A 127 1.95 9.33 2.46
CA SER A 127 3.03 8.35 2.74
C SER A 127 2.92 7.10 1.86
N GLU A 128 1.71 6.56 1.74
CA GLU A 128 1.54 5.37 0.92
C GLU A 128 1.92 5.67 -0.52
N LYS A 129 1.46 6.80 -1.03
CA LYS A 129 1.77 7.17 -2.41
C LYS A 129 3.29 7.40 -2.62
N GLU A 130 4.00 7.97 -1.65
CA GLU A 130 5.46 8.06 -1.74
C GLU A 130 6.06 6.69 -1.98
N LEU A 131 5.68 5.73 -1.14
CA LEU A 131 6.17 4.36 -1.32
C LEU A 131 6.06 3.88 -2.78
N VAL A 132 4.96 4.20 -3.43
CA VAL A 132 4.80 3.78 -4.79
C VAL A 132 5.81 4.52 -5.64
N ALA A 133 5.97 5.82 -5.41
CA ALA A 133 6.93 6.57 -6.19
C ALA A 133 8.35 6.10 -5.97
N SER A 134 8.63 5.51 -4.82
CA SER A 134 10.02 5.07 -4.51
C SER A 134 10.48 3.74 -5.14
N SER A 135 9.57 3.05 -5.82
CA SER A 135 9.89 1.80 -6.55
C SER A 135 11.20 1.96 -7.33
N PRO A 136 12.12 1.00 -7.11
CA PRO A 136 13.40 1.06 -7.80
C PRO A 136 13.28 0.43 -9.19
N GLU A 137 12.16 -0.24 -9.44
CA GLU A 137 11.93 -1.06 -10.63
C GLU A 137 12.18 -0.28 -11.93
N MET A 138 13.02 -0.85 -12.81
CA MET A 138 13.45 -0.16 -14.04
C MET A 138 12.96 -0.88 -15.29
N GLY A 139 12.61 -2.14 -15.13
CA GLY A 139 12.05 -2.89 -16.22
C GLY A 139 13.04 -3.88 -16.75
N GLN A 140 12.59 -5.13 -16.87
CA GLN A 140 13.42 -6.23 -17.34
C GLN A 140 13.69 -6.14 -18.84
N ASP A 141 12.79 -5.48 -19.58
CA ASP A 141 12.87 -5.33 -21.06
C ASP A 141 11.95 -4.21 -21.62
N PHE A 142 12.17 -3.83 -22.87
CA PHE A 142 11.38 -2.76 -23.49
C PHE A 142 9.85 -2.88 -23.32
N ASP A 143 9.25 -4.05 -23.61
CA ASP A 143 7.78 -4.23 -23.47
C ASP A 143 7.37 -3.86 -22.04
N HIS A 144 8.22 -4.26 -21.09
CA HIS A 144 7.97 -4.03 -19.67
C HIS A 144 8.07 -2.57 -19.26
N VAL A 145 9.18 -1.91 -19.61
CA VAL A 145 9.32 -0.50 -19.26
C VAL A 145 8.17 0.27 -19.91
N THR A 146 7.81 -0.06 -21.14
CA THR A 146 6.72 0.65 -21.82
C THR A 146 5.50 0.65 -20.90
N LEU A 147 5.24 -0.52 -20.31
CA LEU A 147 4.11 -0.72 -19.42
C LEU A 147 4.33 -0.01 -18.07
N LEU A 148 5.50 -0.20 -17.48
CA LEU A 148 5.84 0.47 -16.21
C LEU A 148 5.69 1.98 -16.30
N ARG A 149 6.22 2.56 -17.36
CA ARG A 149 6.12 3.98 -17.61
C ARG A 149 4.67 4.37 -17.76
N ASP A 150 3.93 3.62 -18.58
CA ASP A 150 2.51 3.93 -18.81
C ASP A 150 1.67 3.88 -17.54
N LYS A 151 1.89 2.84 -16.74
CA LYS A 151 1.18 2.66 -15.48
C LYS A 151 1.51 3.79 -14.52
N PHE A 152 2.77 4.18 -14.49
CA PHE A 152 3.11 5.27 -13.64
C PHE A 152 2.51 6.61 -14.10
N ARG A 153 2.41 6.85 -15.40
CA ARG A 153 1.81 8.10 -15.84
C ARG A 153 0.36 8.16 -15.33
N ASP A 154 -0.33 7.01 -15.39
CA ASP A 154 -1.71 6.86 -14.90
C ASP A 154 -1.74 7.16 -13.42
N PHE A 155 -0.85 6.48 -12.69
CA PHE A 155 -0.72 6.67 -11.24
C PHE A 155 -0.46 8.11 -10.85
N ALA A 156 0.46 8.78 -11.53
CA ALA A 156 0.77 10.18 -11.31
C ALA A 156 -0.44 11.10 -11.52
N ARG A 157 -1.21 10.89 -12.57
CA ARG A 157 -2.35 11.79 -12.81
C ARG A 157 -3.51 11.66 -11.80
N GLU A 158 -3.87 10.41 -11.48
CA GLU A 158 -4.95 10.16 -10.48
C GLU A 158 -4.43 10.65 -9.16
N THR A 159 -3.28 10.12 -8.70
CA THR A 159 -2.67 10.57 -7.45
C THR A 159 -2.69 12.09 -7.35
N GLY A 160 -2.33 12.77 -8.44
CA GLY A 160 -2.37 14.23 -8.48
C GLY A 160 -3.76 14.81 -8.34
N ALA A 161 -4.68 14.35 -9.18
CA ALA A 161 -6.05 14.86 -9.21
C ALA A 161 -6.80 14.73 -7.85
N ILE A 162 -6.78 13.51 -7.31
CA ILE A 162 -7.39 13.15 -6.05
C ILE A 162 -6.68 13.82 -4.88
N GLY A 163 -5.34 13.86 -4.94
CA GLY A 163 -4.58 14.47 -3.83
C GLY A 163 -4.91 15.94 -3.76
N GLN A 164 -4.75 16.63 -4.87
CA GLN A 164 -5.00 18.07 -4.85
C GLN A 164 -6.36 18.43 -4.28
N GLU A 165 -7.41 17.67 -4.63
CA GLU A 165 -8.75 17.98 -4.10
C GLU A 165 -8.74 17.76 -2.57
N ARG A 166 -8.20 16.63 -2.12
CA ARG A 166 -8.13 16.40 -0.69
C ARG A 166 -7.38 17.49 0.05
N VAL A 167 -6.21 17.89 -0.44
CA VAL A 167 -5.42 18.96 0.19
C VAL A 167 -6.22 20.29 0.25
N ASP A 168 -6.87 20.61 -0.86
CA ASP A 168 -7.69 21.83 -0.90
C ASP A 168 -8.77 21.84 0.20
N ASN A 169 -9.53 20.75 0.32
CA ASN A 169 -10.56 20.69 1.33
C ASN A 169 -10.02 20.88 2.73
N VAL A 170 -8.92 20.22 3.05
CA VAL A 170 -8.33 20.36 4.39
C VAL A 170 -7.81 21.78 4.55
N ASN A 171 -7.23 22.34 3.49
CA ASN A 171 -6.80 23.73 3.61
C ASN A 171 -7.98 24.66 3.85
N ALA A 172 -9.10 24.44 3.14
CA ALA A 172 -10.31 25.28 3.36
C ALA A 172 -10.89 25.12 4.76
N PHE A 173 -10.95 23.88 5.22
CA PHE A 173 -11.45 23.58 6.54
C PHE A 173 -10.55 24.32 7.53
N ILE A 174 -9.25 24.29 7.31
CA ILE A 174 -8.38 24.96 8.26
C ILE A 174 -8.57 26.47 8.26
N GLU A 175 -8.78 27.04 7.09
CA GLU A 175 -9.03 28.47 7.04
C GLU A 175 -10.38 28.85 7.69
N ARG A 176 -11.44 28.05 7.47
CA ARG A 176 -12.73 28.31 8.13
C ARG A 176 -12.54 28.35 9.63
N LEU A 177 -11.70 27.47 10.16
CA LEU A 177 -11.45 27.44 11.61
C LEU A 177 -10.70 28.65 12.10
N ILE A 178 -9.57 28.95 11.45
CA ILE A 178 -8.77 30.11 11.83
C ILE A 178 -9.57 31.40 11.70
N ASP A 179 -10.21 31.58 10.55
CA ASP A 179 -10.96 32.79 10.25
C ASP A 179 -12.19 32.97 11.15
N ALA A 180 -12.76 31.85 11.62
CA ALA A 180 -13.87 31.91 12.56
C ALA A 180 -13.39 32.17 13.98
N GLY A 181 -12.07 32.04 14.20
CA GLY A 181 -11.43 32.41 15.47
C GLY A 181 -11.47 31.25 16.44
N HIS A 182 -10.33 30.59 16.63
CA HIS A 182 -10.28 29.27 17.26
C HIS A 182 -9.09 29.20 18.20
N SER A 183 -9.33 28.98 19.47
CA SER A 183 -8.23 28.93 20.45
C SER A 183 -6.94 28.22 20.02
N GLU A 184 -6.95 27.38 19.01
CA GLU A 184 -5.74 26.59 18.73
C GLU A 184 -5.12 26.88 17.35
N ALA A 185 -5.44 28.06 16.83
CA ALA A 185 -5.08 28.50 15.47
C ALA A 185 -3.59 28.32 15.13
N ALA A 186 -2.73 28.64 16.10
CA ALA A 186 -1.30 28.48 15.95
C ALA A 186 -0.95 27.05 15.61
N THR A 187 -1.51 26.12 16.38
CA THR A 187 -1.26 24.70 16.17
C THR A 187 -1.83 24.30 14.83
N ILE A 188 -3.07 24.66 14.59
CA ILE A 188 -3.70 24.30 13.32
C ILE A 188 -2.85 24.77 12.12
N ALA A 189 -2.41 26.03 12.11
CA ALA A 189 -1.53 26.56 11.03
C ALA A 189 -0.28 25.69 10.88
N GLU A 190 0.32 25.32 12.01
CA GLU A 190 1.48 24.41 12.01
C GLU A 190 1.12 23.14 11.19
N TRP A 191 0.02 22.49 11.54
CA TRP A 191 -0.47 21.31 10.83
C TRP A 191 -0.60 21.55 9.33
N LYS A 192 -1.15 22.71 8.96
CA LYS A 192 -1.37 23.06 7.56
C LYS A 192 -0.05 23.09 6.84
N ASP A 193 0.96 23.71 7.46
CA ASP A 193 2.29 23.82 6.86
C ASP A 193 2.84 22.44 6.62
N GLY A 194 2.81 21.59 7.64
CA GLY A 194 3.32 20.20 7.52
C GLY A 194 2.61 19.45 6.39
N LEU A 195 1.28 19.61 6.33
CA LEU A 195 0.52 18.96 5.28
C LEU A 195 0.94 19.47 3.92
N ASN A 196 0.89 20.79 3.69
CA ASN A 196 1.32 21.36 2.39
C ASN A 196 2.74 20.99 1.94
N GLU A 197 3.68 20.90 2.90
CA GLU A 197 5.05 20.49 2.55
C GLU A 197 5.05 19.06 2.10
N MET A 198 4.37 18.18 2.84
CA MET A 198 4.34 16.76 2.48
C MET A 198 3.81 16.58 1.05
N TRP A 199 2.75 17.33 0.74
CA TRP A 199 2.14 17.34 -0.58
C TRP A 199 3.18 17.76 -1.65
N ALA A 200 3.77 18.96 -1.47
CA ALA A 200 4.77 19.43 -2.41
C ALA A 200 5.90 18.43 -2.60
N ASP A 201 6.36 17.80 -1.52
CA ASP A 201 7.42 16.79 -1.63
C ASP A 201 6.93 15.65 -2.45
N LEU A 202 5.69 15.20 -2.18
CA LEU A 202 5.17 14.06 -2.96
C LEU A 202 5.08 14.38 -4.43
N LEU A 203 4.62 15.56 -4.78
CA LEU A 203 4.52 15.88 -6.19
C LEU A 203 5.89 15.75 -6.87
N GLU A 204 6.93 16.29 -6.24
CA GLU A 204 8.27 16.21 -6.78
C GLU A 204 8.73 14.75 -6.90
N LEU A 205 8.50 13.98 -5.86
CA LEU A 205 8.88 12.57 -5.82
C LEU A 205 8.23 11.86 -6.97
N ILE A 206 6.99 12.22 -7.28
CA ILE A 206 6.28 11.57 -8.40
C ILE A 206 6.94 12.00 -9.69
N ASP A 207 7.25 13.29 -9.76
CA ASP A 207 7.85 13.83 -10.92
C ASP A 207 9.20 13.15 -11.20
N THR A 208 10.05 13.00 -10.18
CA THR A 208 11.35 12.44 -10.49
C THR A 208 11.24 11.01 -10.90
N ARG A 209 10.26 10.28 -10.35
CA ARG A 209 10.08 8.90 -10.74
C ARG A 209 9.73 8.83 -12.22
N MET A 210 8.97 9.82 -12.69
CA MET A 210 8.60 9.87 -14.09
C MET A 210 9.84 10.06 -14.97
N GLN A 211 10.66 11.05 -14.63
CA GLN A 211 11.92 11.30 -15.32
C GLN A 211 12.82 10.05 -15.27
N LEU A 212 12.86 9.38 -14.10
CA LEU A 212 13.62 8.13 -13.97
C LEU A 212 13.13 7.10 -15.00
N LEU A 213 11.83 6.85 -15.05
CA LEU A 213 11.29 5.86 -15.98
C LEU A 213 11.45 6.29 -17.39
N ALA A 214 11.36 7.58 -17.68
CA ALA A 214 11.56 8.00 -19.08
C ALA A 214 12.99 7.68 -19.56
N ALA A 215 13.98 7.86 -18.69
CA ALA A 215 15.35 7.56 -19.02
C ALA A 215 15.44 6.05 -19.30
N SER A 216 14.95 5.24 -18.36
CA SER A 216 14.99 3.78 -18.55
C SER A 216 14.33 3.45 -19.87
N TYR A 217 13.23 4.14 -20.17
CA TYR A 217 12.55 3.94 -21.43
C TYR A 217 13.48 4.13 -22.62
N ASP A 218 14.26 5.23 -22.65
CA ASP A 218 15.16 5.52 -23.78
C ASP A 218 16.25 4.49 -23.94
N LEU A 219 16.81 4.06 -22.81
CA LEU A 219 17.87 3.07 -22.81
C LEU A 219 17.33 1.81 -23.46
N HIS A 220 16.19 1.32 -22.98
CA HIS A 220 15.58 0.15 -23.60
C HIS A 220 15.14 0.41 -25.05
N ARG A 221 14.55 1.58 -25.33
CA ARG A 221 14.16 1.95 -26.71
C ARG A 221 15.34 1.89 -27.65
N TYR A 222 16.49 2.32 -27.15
CA TYR A 222 17.70 2.29 -27.97
C TYR A 222 18.14 0.88 -28.28
N PHE A 223 18.33 0.04 -27.26
CA PHE A 223 18.74 -1.33 -27.53
C PHE A 223 17.70 -2.06 -28.37
N TYR A 224 16.44 -1.73 -28.18
CA TYR A 224 15.41 -2.35 -29.02
C TYR A 224 15.58 -1.91 -30.48
N THR A 225 15.83 -0.62 -30.69
CA THR A 225 15.99 -0.07 -32.05
C THR A 225 17.21 -0.65 -32.76
N GLY A 226 18.35 -0.70 -32.06
CA GLY A 226 19.60 -1.23 -32.62
C GLY A 226 19.40 -2.63 -33.15
N ALA A 227 18.88 -3.54 -32.33
CA ALA A 227 18.63 -4.91 -32.79
C ALA A 227 17.70 -4.95 -34.00
N GLU A 228 16.68 -4.09 -34.00
CA GLU A 228 15.73 -4.03 -35.15
C GLU A 228 16.51 -3.66 -36.40
N ILE A 229 17.29 -2.58 -36.27
CA ILE A 229 18.13 -2.09 -37.36
C ILE A 229 19.09 -3.14 -37.88
N LEU A 230 19.73 -3.88 -36.97
CA LEU A 230 20.71 -4.92 -37.36
C LEU A 230 20.04 -6.01 -38.19
N GLY A 231 18.79 -6.29 -37.84
CA GLY A 231 17.97 -7.26 -38.55
C GLY A 231 17.61 -6.76 -39.94
N LEU A 232 17.21 -5.49 -40.05
CA LEU A 232 16.88 -4.88 -41.36
C LEU A 232 18.07 -4.81 -42.29
N ILE A 233 19.23 -4.49 -41.74
CA ILE A 233 20.48 -4.40 -42.49
C ILE A 233 20.82 -5.79 -43.00
N ASP A 234 20.67 -6.79 -42.13
CA ASP A 234 20.89 -8.17 -42.50
C ASP A 234 19.98 -8.63 -43.67
N GLU A 235 18.68 -8.33 -43.56
CA GLU A 235 17.67 -8.66 -44.60
C GLU A 235 18.06 -8.06 -45.94
N LYS A 236 18.59 -6.84 -45.94
CA LYS A 236 19.06 -6.21 -47.20
C LYS A 236 20.32 -6.89 -47.79
N HIS A 237 21.26 -7.27 -46.91
CA HIS A 237 22.51 -7.95 -47.28
C HIS A 237 22.20 -9.29 -47.93
N ARG A 238 21.43 -10.11 -47.19
CA ARG A 238 20.98 -11.41 -47.68
C ARG A 238 20.15 -11.28 -48.96
N GLU A 239 19.59 -10.09 -49.21
CA GLU A 239 18.85 -9.80 -50.45
C GLU A 239 19.79 -9.68 -51.65
N PHE A 261 15.26 -0.86 -54.61
CA PHE A 261 16.32 -1.32 -53.71
C PHE A 261 17.16 -0.14 -53.24
N GLU A 262 17.62 0.70 -54.18
CA GLU A 262 18.42 1.89 -53.87
C GLU A 262 17.68 2.80 -52.88
N ARG A 263 16.37 2.97 -53.11
CA ARG A 263 15.52 3.78 -52.22
C ARG A 263 15.43 3.15 -50.82
N ASP A 264 15.31 1.82 -50.76
CA ASP A 264 15.23 1.09 -49.48
C ASP A 264 16.51 1.26 -48.66
N VAL A 265 17.66 1.13 -49.33
CA VAL A 265 18.96 1.32 -48.70
C VAL A 265 19.18 2.76 -48.22
N HIS A 266 18.73 3.73 -49.01
CA HIS A 266 18.88 5.14 -48.62
C HIS A 266 18.09 5.43 -47.34
N LEU A 267 16.83 5.01 -47.31
CA LEU A 267 15.95 5.17 -46.15
C LEU A 267 16.54 4.56 -44.90
N LEU A 268 17.19 3.40 -45.09
CA LEU A 268 17.87 2.69 -44.01
C LEU A 268 19.06 3.49 -43.46
N GLY A 269 19.81 4.08 -44.38
CA GLY A 269 20.97 4.93 -44.09
C GLY A 269 20.60 6.18 -43.31
N VAL A 270 19.40 6.70 -43.54
CA VAL A 270 18.91 7.84 -42.77
C VAL A 270 18.63 7.38 -41.32
N GLN A 271 18.06 6.18 -41.15
CA GLN A 271 17.74 5.62 -39.83
C GLN A 271 19.01 5.34 -39.08
N VAL A 272 20.06 4.95 -39.81
CA VAL A 272 21.36 4.71 -39.20
C VAL A 272 21.95 6.02 -38.71
N GLN A 273 21.95 7.03 -39.56
CA GLN A 273 22.43 8.35 -39.17
C GLN A 273 21.66 8.77 -37.87
N GLN A 274 20.34 8.54 -37.86
CA GLN A 274 19.50 8.89 -36.71
C GLN A 274 19.85 8.13 -35.45
N PHE A 275 20.08 6.84 -35.59
CA PHE A 275 20.45 5.97 -34.48
C PHE A 275 21.83 6.34 -33.91
N GLN A 276 22.73 6.78 -34.78
CA GLN A 276 24.07 7.21 -34.37
C GLN A 276 23.95 8.44 -33.45
N ASP A 277 23.06 9.36 -33.81
CA ASP A 277 22.87 10.57 -33.05
C ASP A 277 22.36 10.27 -31.66
N VAL A 278 21.42 9.32 -31.59
CA VAL A 278 20.83 8.89 -30.34
C VAL A 278 21.95 8.31 -29.46
N ALA A 279 22.76 7.45 -30.05
CA ALA A 279 23.91 6.85 -29.36
C ALA A 279 24.87 7.91 -28.75
N THR A 280 25.10 9.01 -29.46
CA THR A 280 25.92 10.08 -28.93
C THR A 280 25.26 10.73 -27.73
N ARG A 281 23.99 11.14 -27.90
CA ARG A 281 23.22 11.79 -26.82
C ARG A 281 23.24 10.94 -25.53
N LEU A 282 23.00 9.63 -25.68
CA LEU A 282 23.01 8.72 -24.55
C LEU A 282 24.35 8.54 -23.85
N GLN A 283 25.43 8.43 -24.63
CA GLN A 283 26.75 8.29 -24.02
C GLN A 283 26.98 9.39 -23.00
N THR A 284 26.52 10.59 -23.33
CA THR A 284 26.56 11.74 -22.42
C THR A 284 25.99 11.45 -21.00
N ALA A 285 24.96 10.61 -20.93
CA ALA A 285 24.29 10.30 -19.66
C ALA A 285 24.85 9.11 -18.90
N TYR A 286 25.47 8.19 -19.62
CA TYR A 286 26.03 6.99 -18.99
C TYR A 286 27.56 7.07 -18.86
N ALA A 287 28.13 6.21 -18.02
CA ALA A 287 29.59 6.05 -17.91
C ALA A 287 29.89 4.59 -17.55
N GLY A 288 31.18 4.24 -17.49
CA GLY A 288 31.58 2.87 -17.17
C GLY A 288 30.88 1.87 -18.08
N GLU A 289 30.42 0.76 -17.52
CA GLU A 289 30.01 -0.41 -18.30
C GLU A 289 28.87 -0.10 -19.27
N LYS A 290 27.82 0.57 -18.80
CA LYS A 290 26.67 0.89 -19.66
C LYS A 290 27.04 1.79 -20.85
N ALA A 291 27.87 2.81 -20.60
CA ALA A 291 28.32 3.69 -21.68
C ALA A 291 29.06 2.87 -22.72
N GLU A 292 29.74 1.82 -22.27
CA GLU A 292 30.48 0.96 -23.20
C GLU A 292 29.54 0.17 -24.08
N ALA A 293 28.45 -0.32 -23.48
CA ALA A 293 27.47 -1.12 -24.19
C ALA A 293 26.81 -0.29 -25.28
N ILE A 294 26.49 0.96 -24.94
CA ILE A 294 25.86 1.93 -25.85
C ILE A 294 26.76 2.18 -27.06
N GLN A 295 28.01 2.58 -26.79
CA GLN A 295 29.00 2.81 -27.85
C GLN A 295 29.19 1.57 -28.70
N ASN A 296 29.34 0.42 -28.06
CA ASN A 296 29.49 -0.85 -28.75
C ASN A 296 28.34 -1.21 -29.70
N LYS A 297 27.10 -0.96 -29.29
CA LYS A 297 25.99 -1.24 -30.20
C LYS A 297 26.00 -0.26 -31.39
N GLU A 298 26.47 0.97 -31.17
CA GLU A 298 26.58 1.95 -32.26
C GLU A 298 27.60 1.44 -33.29
N GLN A 299 28.78 1.05 -32.79
CA GLN A 299 29.86 0.54 -33.61
C GLN A 299 29.42 -0.70 -34.38
N GLU A 300 28.69 -1.59 -33.71
CA GLU A 300 28.18 -2.78 -34.37
C GLU A 300 27.25 -2.37 -35.54
N VAL A 301 26.34 -1.44 -35.27
CA VAL A 301 25.38 -0.98 -36.28
C VAL A 301 26.07 -0.33 -37.49
N SER A 302 27.05 0.54 -37.25
CA SER A 302 27.76 1.20 -38.38
C SER A 302 28.57 0.18 -39.18
N ALA A 303 29.16 -0.78 -38.48
CA ALA A 303 29.93 -1.85 -39.09
C ALA A 303 29.06 -2.69 -40.05
N ALA A 304 27.87 -3.08 -39.60
CA ALA A 304 26.96 -3.85 -40.46
C ALA A 304 26.54 -3.02 -41.67
N TRP A 305 26.26 -1.74 -41.43
CA TRP A 305 25.84 -0.77 -42.44
C TRP A 305 26.92 -0.55 -43.54
N GLN A 306 28.18 -0.42 -43.12
CA GLN A 306 29.34 -0.29 -44.04
C GLN A 306 29.42 -1.51 -44.95
N ALA A 307 29.38 -2.68 -44.31
CA ALA A 307 29.42 -3.98 -44.98
C ALA A 307 28.41 -4.02 -46.12
N LEU A 308 27.21 -3.50 -45.86
CA LEU A 308 26.16 -3.39 -46.88
C LEU A 308 26.56 -2.42 -47.98
N LEU A 309 27.12 -1.27 -47.62
CA LEU A 309 27.61 -0.31 -48.62
C LEU A 309 28.75 -0.86 -49.52
N GLN B 7 59.30 -48.53 11.14
CA GLN B 7 59.47 -47.21 11.83
C GLN B 7 58.85 -46.12 10.99
N GLN B 8 59.16 -46.17 9.69
CA GLN B 8 58.66 -45.20 8.73
C GLN B 8 57.12 -45.26 8.63
N TYR B 9 56.59 -46.48 8.59
CA TYR B 9 55.15 -46.67 8.55
C TYR B 9 54.48 -46.03 9.77
N TYR B 10 55.11 -46.14 10.94
CA TYR B 10 54.56 -45.52 12.17
C TYR B 10 54.55 -43.99 12.12
N LEU B 11 55.69 -43.42 11.74
CA LEU B 11 55.77 -41.97 11.63
C LEU B 11 54.67 -41.45 10.71
N ASP B 12 54.57 -42.06 9.53
CA ASP B 12 53.54 -41.68 8.56
C ASP B 12 52.14 -41.87 9.09
N ALA B 13 51.88 -42.97 9.81
CA ALA B 13 50.56 -43.22 10.34
C ALA B 13 50.16 -42.14 11.34
N ASP B 14 51.04 -41.84 12.30
CA ASP B 14 50.73 -40.78 13.26
C ASP B 14 50.43 -39.46 12.56
N GLU B 15 51.16 -39.22 11.46
CA GLU B 15 51.04 -37.97 10.68
C GLU B 15 49.61 -37.82 10.12
N ALA B 16 49.12 -38.86 9.44
CA ALA B 16 47.78 -38.85 8.86
C ALA B 16 46.71 -38.77 9.96
N GLU B 17 46.87 -39.57 11.03
CA GLU B 17 45.94 -39.50 12.19
C GLU B 17 45.81 -38.08 12.70
N ALA B 18 46.94 -37.41 12.85
CA ALA B 18 46.92 -36.05 13.33
C ALA B 18 46.22 -35.14 12.31
N TRP B 19 46.45 -35.43 11.02
CA TRP B 19 45.90 -34.58 9.95
C TRP B 19 44.39 -34.74 9.98
N ILE B 20 43.93 -35.98 10.00
CA ILE B 20 42.49 -36.24 10.11
C ILE B 20 41.87 -35.58 11.34
N GLY B 21 42.51 -35.71 12.49
CA GLY B 21 42.00 -35.04 13.68
C GLY B 21 41.82 -33.52 13.52
N GLU B 22 42.81 -32.86 12.96
CA GLU B 22 42.78 -31.44 12.76
C GLU B 22 41.60 -31.07 11.81
N GLN B 23 41.45 -31.82 10.70
CA GLN B 23 40.43 -31.49 9.71
C GLN B 23 39.05 -31.59 10.26
N GLU B 24 38.82 -32.68 10.98
CA GLU B 24 37.56 -33.04 11.55
C GLU B 24 37.09 -32.17 12.69
N LEU B 25 37.97 -31.80 13.62
CA LEU B 25 37.57 -30.94 14.73
C LEU B 25 37.75 -29.46 14.45
N TYR B 26 38.89 -29.08 13.82
CA TYR B 26 39.21 -27.66 13.68
C TYR B 26 39.00 -26.99 12.34
N VAL B 27 39.30 -27.66 11.24
CA VAL B 27 39.16 -27.06 9.94
C VAL B 27 37.68 -26.93 9.63
N ILE B 28 36.99 -28.05 9.57
CA ILE B 28 35.55 -28.06 9.36
C ILE B 28 34.74 -27.45 10.53
N SER B 29 33.59 -26.87 10.22
CA SER B 29 33.07 -25.81 11.08
C SER B 29 31.61 -26.04 11.28
N ASP B 30 31.06 -25.52 12.37
CA ASP B 30 29.65 -25.77 12.67
C ASP B 30 28.83 -24.53 12.46
N GLU B 31 29.46 -23.46 12.02
CA GLU B 31 28.75 -22.21 11.88
C GLU B 31 27.55 -22.24 10.99
N ILE B 32 26.59 -21.40 11.38
CA ILE B 32 25.29 -21.45 10.82
C ILE B 32 25.17 -20.15 10.07
N PRO B 33 25.00 -20.20 8.73
CA PRO B 33 25.01 -18.96 7.93
C PRO B 33 23.86 -18.05 8.28
N LYS B 34 24.11 -16.77 8.36
CA LYS B 34 23.08 -15.80 8.79
C LYS B 34 22.07 -15.38 7.73
N ASP B 35 22.53 -15.31 6.49
CA ASP B 35 21.65 -15.04 5.33
C ASP B 35 22.11 -15.78 4.06
N GLU B 36 21.41 -15.55 2.96
CA GLU B 36 21.65 -16.32 1.74
C GLU B 36 23.10 -16.18 1.31
N GLU B 37 23.58 -14.93 1.39
CA GLU B 37 24.96 -14.52 1.09
C GLU B 37 25.97 -15.31 1.93
N GLY B 38 25.84 -15.29 3.24
CA GLY B 38 26.76 -16.02 4.09
C GLY B 38 26.81 -17.49 3.72
N ALA B 39 25.65 -18.01 3.32
CA ALA B 39 25.50 -19.45 3.02
C ALA B 39 26.33 -19.79 1.82
N ILE B 40 26.23 -18.96 0.79
CA ILE B 40 27.08 -19.09 -0.43
C ILE B 40 28.57 -19.11 -0.06
N VAL B 41 29.03 -18.08 0.66
CA VAL B 41 30.38 -18.03 1.18
C VAL B 41 30.74 -19.37 1.88
N MET B 42 29.95 -19.79 2.89
CA MET B 42 30.28 -21.00 3.69
C MET B 42 30.40 -22.22 2.84
N LEU B 43 29.51 -22.30 1.88
CA LEU B 43 29.42 -23.50 1.06
C LEU B 43 30.60 -23.57 0.09
N LYS B 44 31.00 -22.40 -0.42
CA LYS B 44 32.20 -22.31 -1.28
C LYS B 44 33.43 -22.71 -0.46
N ARG B 45 33.51 -22.18 0.76
CA ARG B 45 34.61 -22.49 1.69
C ARG B 45 34.62 -23.98 1.99
N HIS B 46 33.44 -24.52 2.30
CA HIS B 46 33.34 -25.92 2.58
C HIS B 46 33.76 -26.84 1.42
N LEU B 47 33.37 -26.51 0.18
CA LEU B 47 33.78 -27.39 -0.93
C LEU B 47 35.32 -27.43 -1.12
N ARG B 48 36.01 -26.27 -1.07
CA ARG B 48 37.50 -26.23 -1.04
C ARG B 48 38.04 -27.19 0.00
N GLN B 49 37.53 -27.08 1.24
CA GLN B 49 38.03 -27.92 2.30
C GLN B 49 37.77 -29.38 2.03
N GLN B 50 36.58 -29.69 1.51
CA GLN B 50 36.18 -31.06 1.19
C GLN B 50 37.12 -31.56 0.09
N ARG B 51 37.42 -30.71 -0.90
CA ARG B 51 38.37 -31.11 -1.98
C ARG B 51 39.74 -31.52 -1.45
N ALA B 52 40.21 -30.81 -0.42
CA ALA B 52 41.47 -31.14 0.24
C ALA B 52 41.37 -32.50 0.99
N VAL B 53 40.24 -32.78 1.67
CA VAL B 53 40.03 -34.04 2.35
C VAL B 53 40.05 -35.16 1.30
N GLU B 54 39.34 -34.95 0.20
CA GLU B 54 39.27 -35.90 -0.90
C GLU B 54 40.68 -36.25 -1.38
N ASP B 55 41.49 -35.24 -1.69
CA ASP B 55 42.88 -35.42 -2.13
C ASP B 55 43.77 -36.23 -1.19
N TYR B 56 43.56 -36.06 0.10
CA TYR B 56 44.35 -36.77 1.07
C TYR B 56 44.14 -38.28 0.89
N GLY B 57 42.99 -38.65 0.32
CA GLY B 57 42.67 -40.05 0.05
C GLY B 57 43.83 -40.82 -0.57
N ARG B 58 44.63 -40.11 -1.36
CA ARG B 58 45.82 -40.68 -1.97
C ARG B 58 46.80 -41.21 -0.92
N ASN B 59 47.08 -40.40 0.11
CA ASN B 59 48.02 -40.79 1.19
C ASN B 59 47.54 -42.01 1.93
N ILE B 60 46.24 -42.00 2.24
CA ILE B 60 45.58 -43.09 2.96
C ILE B 60 45.73 -44.40 2.20
N LYS B 61 45.46 -44.36 0.88
CA LYS B 61 45.62 -45.54 0.03
C LYS B 61 47.09 -46.00 0.01
N GLN B 62 48.02 -45.04 -0.17
CA GLN B 62 49.47 -45.34 -0.17
C GLN B 62 49.88 -46.02 1.12
N LEU B 63 49.36 -45.51 2.24
CA LEU B 63 49.62 -46.12 3.54
C LEU B 63 49.11 -47.55 3.57
N ALA B 64 47.87 -47.74 3.11
CA ALA B 64 47.21 -49.06 3.08
C ALA B 64 48.03 -50.04 2.26
N SER B 65 48.44 -49.61 1.07
CA SER B 65 49.26 -50.46 0.20
C SER B 65 50.61 -50.82 0.85
N ARG B 66 51.22 -49.84 1.53
CA ARG B 66 52.50 -50.05 2.23
C ARG B 66 52.37 -51.02 3.41
N ALA B 67 51.25 -50.93 4.13
CA ALA B 67 50.98 -51.81 5.26
C ALA B 67 50.78 -53.24 4.77
N GLN B 68 49.97 -53.38 3.72
CA GLN B 68 49.71 -54.70 3.10
C GLN B 68 51.02 -55.36 2.62
N GLY B 69 51.91 -54.52 2.12
CA GLY B 69 53.22 -54.94 1.68
C GLY B 69 53.96 -55.47 2.88
N LEU B 70 53.93 -54.70 3.97
CA LEU B 70 54.61 -55.12 5.21
C LEU B 70 54.08 -56.43 5.83
N LEU B 71 52.75 -56.58 5.89
CA LEU B 71 52.13 -57.81 6.41
C LEU B 71 52.48 -58.98 5.51
N SER B 72 52.18 -58.85 4.20
CA SER B 72 52.48 -59.93 3.22
C SER B 72 53.98 -60.33 3.18
N ALA B 73 54.86 -59.38 3.53
CA ALA B 73 56.30 -59.63 3.59
C ALA B 73 56.73 -60.38 4.87
N GLY B 74 55.79 -60.74 5.73
CA GLY B 74 56.09 -61.51 6.94
C GLY B 74 56.79 -60.74 8.06
N HIS B 75 56.72 -59.41 8.03
CA HIS B 75 57.27 -58.57 9.09
C HIS B 75 56.62 -58.96 10.43
N PRO B 76 57.45 -59.09 11.49
CA PRO B 76 56.98 -59.45 12.86
C PRO B 76 55.81 -58.62 13.40
N GLU B 77 55.75 -57.34 13.07
CA GLU B 77 54.68 -56.43 13.49
C GLU B 77 53.40 -56.41 12.62
N GLY B 78 53.36 -57.25 11.58
CA GLY B 78 52.19 -57.33 10.66
C GLY B 78 50.85 -57.16 11.35
N GLU B 79 50.69 -57.84 12.47
CA GLU B 79 49.50 -57.73 13.31
C GLU B 79 49.30 -56.27 13.75
N GLN B 80 50.36 -55.69 14.33
CA GLN B 80 50.34 -54.31 14.80
C GLN B 80 50.01 -53.34 13.65
N ILE B 81 50.77 -53.46 12.55
CA ILE B 81 50.62 -52.59 11.38
C ILE B 81 49.22 -52.62 10.73
N ILE B 82 48.67 -53.80 10.52
CA ILE B 82 47.33 -53.92 9.93
C ILE B 82 46.27 -53.26 10.82
N ARG B 83 46.42 -53.46 12.14
CA ARG B 83 45.53 -52.85 13.12
C ARG B 83 45.55 -51.32 13.01
N LEU B 84 46.77 -50.77 12.90
CA LEU B 84 46.99 -49.32 12.75
C LEU B 84 46.38 -48.77 11.47
N GLN B 85 46.55 -49.52 10.38
CA GLN B 85 45.95 -49.11 9.13
C GLN B 85 44.46 -49.15 9.30
N GLY B 86 43.97 -50.18 9.98
CA GLY B 86 42.54 -50.33 10.24
C GLY B 86 42.01 -49.03 10.80
N GLN B 87 42.74 -48.46 11.77
CA GLN B 87 42.34 -47.22 12.41
C GLN B 87 42.40 -45.98 11.52
N VAL B 88 43.44 -45.87 10.70
CA VAL B 88 43.58 -44.73 9.78
C VAL B 88 42.40 -44.73 8.81
N ASP B 89 42.07 -45.90 8.26
CA ASP B 89 40.94 -46.05 7.35
C ASP B 89 39.63 -45.61 8.00
N LYS B 90 39.38 -46.16 9.20
CA LYS B 90 38.18 -45.85 9.94
C LYS B 90 38.10 -44.34 10.16
N HIS B 91 39.15 -43.76 10.72
CA HIS B 91 39.16 -42.34 11.03
C HIS B 91 39.00 -41.44 9.81
N TYR B 92 39.60 -41.86 8.71
CA TYR B 92 39.46 -41.12 7.50
C TYR B 92 38.06 -41.21 6.93
N ALA B 93 37.42 -42.36 7.01
CA ALA B 93 36.02 -42.48 6.55
C ALA B 93 35.12 -41.61 7.42
N GLY B 94 35.38 -41.62 8.73
CA GLY B 94 34.63 -40.80 9.69
C GLY B 94 34.76 -39.35 9.29
N LEU B 95 35.98 -38.92 8.98
CA LEU B 95 36.16 -37.55 8.51
C LEU B 95 35.26 -37.32 7.28
N LYS B 96 35.35 -38.15 6.27
CA LYS B 96 34.50 -37.99 5.11
C LYS B 96 33.02 -37.98 5.50
N ASP B 97 32.60 -38.71 6.52
CA ASP B 97 31.20 -38.63 6.91
C ASP B 97 30.88 -37.24 7.48
N VAL B 98 31.67 -36.77 8.42
CA VAL B 98 31.41 -35.45 8.95
C VAL B 98 31.28 -34.38 7.84
N ALA B 99 32.12 -34.45 6.83
CA ALA B 99 32.11 -33.45 5.77
C ALA B 99 30.85 -33.51 4.93
N CYS B 100 30.38 -34.73 4.62
CA CYS B 100 29.19 -34.85 3.77
C CYS B 100 27.99 -34.33 4.53
N GLU B 101 27.99 -34.63 5.84
CA GLU B 101 26.89 -34.22 6.70
C GLU B 101 26.78 -32.69 6.68
N ARG B 102 27.88 -32.04 6.99
CA ARG B 102 27.99 -30.61 6.92
C ARG B 102 27.60 -30.02 5.54
N LYS B 103 28.01 -30.69 4.47
CA LYS B 103 27.66 -30.24 3.13
C LYS B 103 26.14 -30.26 3.00
N ARG B 104 25.55 -31.36 3.44
CA ARG B 104 24.11 -31.55 3.31
C ARG B 104 23.37 -30.44 4.03
N LYS B 105 23.88 -30.11 5.20
CA LYS B 105 23.27 -29.13 6.03
C LYS B 105 23.40 -27.70 5.48
N LEU B 106 24.56 -27.39 4.92
CA LEU B 106 24.71 -26.10 4.31
C LEU B 106 23.87 -26.04 3.06
N GLU B 107 23.89 -27.09 2.25
CA GLU B 107 23.09 -27.07 1.05
C GLU B 107 21.66 -26.73 1.49
N ASN B 108 21.23 -27.30 2.62
CA ASN B 108 19.82 -27.10 3.11
C ASN B 108 19.51 -25.68 3.58
N MET B 109 20.41 -25.14 4.35
CA MET B 109 20.30 -23.73 4.77
C MET B 109 20.43 -22.71 3.60
N TYR B 110 21.23 -23.03 2.59
CA TYR B 110 21.32 -22.15 1.46
C TYR B 110 19.95 -22.28 0.82
N HIS B 111 19.52 -23.51 0.59
CA HIS B 111 18.23 -23.70 -0.09
C HIS B 111 17.05 -23.08 0.69
N LEU B 112 17.06 -23.05 2.04
CA LEU B 112 15.97 -22.38 2.84
C LEU B 112 15.97 -20.89 2.58
N PHE B 113 17.14 -20.29 2.44
CA PHE B 113 17.21 -18.89 2.14
C PHE B 113 16.64 -18.64 0.74
N GLN B 114 17.07 -19.47 -0.21
CA GLN B 114 16.65 -19.39 -1.61
C GLN B 114 15.13 -19.44 -1.64
N LEU B 115 14.56 -20.45 -0.99
CA LEU B 115 13.12 -20.64 -1.01
C LEU B 115 12.37 -19.46 -0.44
N LYS B 116 12.86 -18.86 0.63
CA LYS B 116 12.11 -17.74 1.20
C LYS B 116 12.20 -16.46 0.26
N ARG B 117 13.26 -16.31 -0.50
CA ARG B 117 13.34 -15.22 -1.43
C ARG B 117 12.33 -15.58 -2.52
N GLU B 118 12.37 -16.81 -3.03
CA GLU B 118 11.45 -17.16 -4.11
C GLU B 118 9.99 -16.94 -3.71
N THR B 119 9.64 -17.37 -2.51
CA THR B 119 8.33 -17.29 -1.98
C THR B 119 7.89 -15.88 -1.72
N ASP B 120 8.73 -15.09 -1.05
CA ASP B 120 8.36 -13.70 -0.82
C ASP B 120 8.09 -12.97 -2.14
N ASP B 121 8.90 -13.21 -3.19
CA ASP B 121 8.71 -12.56 -4.49
C ASP B 121 7.41 -12.90 -5.15
N LEU B 122 7.11 -14.20 -5.18
CA LEU B 122 5.88 -14.72 -5.75
C LEU B 122 4.68 -14.20 -4.97
N GLU B 123 4.77 -14.16 -3.63
CA GLU B 123 3.61 -13.64 -2.90
C GLU B 123 3.42 -12.14 -3.16
N GLN B 124 4.53 -11.43 -3.31
CA GLN B 124 4.44 -10.00 -3.65
C GLN B 124 3.79 -9.80 -5.02
N TRP B 125 4.20 -10.63 -5.97
CA TRP B 125 3.65 -10.62 -7.30
C TRP B 125 2.16 -10.85 -7.23
N ILE B 126 1.73 -11.88 -6.49
CA ILE B 126 0.33 -12.15 -6.31
C ILE B 126 -0.39 -10.89 -5.76
N SER B 127 0.17 -10.25 -4.75
CA SER B 127 -0.45 -9.01 -4.23
C SER B 127 -0.64 -7.95 -5.28
N GLU B 128 0.35 -7.80 -6.14
CA GLU B 128 0.28 -6.83 -7.21
C GLU B 128 -0.85 -7.19 -8.12
N LYS B 129 -0.96 -8.47 -8.48
CA LYS B 129 -2.03 -8.89 -9.36
C LYS B 129 -3.40 -8.68 -8.73
N GLU B 130 -3.52 -8.89 -7.42
CA GLU B 130 -4.79 -8.60 -6.70
C GLU B 130 -5.25 -7.17 -6.91
N LEU B 131 -4.31 -6.25 -6.77
CA LEU B 131 -4.56 -4.84 -6.92
C LEU B 131 -5.21 -4.51 -8.27
N VAL B 132 -4.79 -5.21 -9.30
CA VAL B 132 -5.36 -5.02 -10.62
C VAL B 132 -6.77 -5.55 -10.66
N ALA B 133 -6.99 -6.73 -10.12
CA ALA B 133 -8.35 -7.28 -10.07
C ALA B 133 -9.27 -6.38 -9.22
N SER B 134 -8.74 -5.66 -8.24
CA SER B 134 -9.60 -4.84 -7.40
C SER B 134 -10.05 -3.49 -7.98
N SER B 135 -9.53 -3.12 -9.13
CA SER B 135 -10.01 -1.95 -9.83
C SER B 135 -11.55 -1.86 -9.80
N PRO B 136 -12.09 -0.68 -9.43
CA PRO B 136 -13.52 -0.46 -9.32
C PRO B 136 -14.15 0.01 -10.61
N GLU B 137 -13.32 0.22 -11.63
CA GLU B 137 -13.69 0.80 -12.92
C GLU B 137 -14.72 -0.03 -13.66
N MET B 138 -15.83 0.58 -14.06
CA MET B 138 -16.90 -0.13 -14.74
C MET B 138 -17.07 0.27 -16.20
N GLY B 139 -16.45 1.37 -16.62
CA GLY B 139 -16.54 1.78 -18.01
C GLY B 139 -17.42 3.00 -18.14
N GLN B 140 -16.92 4.01 -18.83
CA GLN B 140 -17.64 5.25 -18.99
C GLN B 140 -18.64 5.12 -20.12
N ASP B 141 -18.40 4.21 -21.05
CA ASP B 141 -19.38 3.88 -22.09
C ASP B 141 -19.21 2.49 -22.76
N PHE B 142 -20.14 2.09 -23.61
CA PHE B 142 -20.04 0.78 -24.26
C PHE B 142 -18.66 0.49 -24.96
N ASP B 143 -18.11 1.44 -25.74
CA ASP B 143 -16.81 1.19 -26.40
C ASP B 143 -15.74 0.85 -25.37
N HIS B 144 -15.82 1.55 -24.24
CA HIS B 144 -14.87 1.46 -23.18
C HIS B 144 -14.98 0.16 -22.37
N VAL B 145 -16.20 -0.21 -22.00
CA VAL B 145 -16.38 -1.44 -21.24
C VAL B 145 -15.97 -2.59 -22.12
N THR B 146 -16.22 -2.50 -23.43
CA THR B 146 -15.84 -3.58 -24.32
C THR B 146 -14.35 -3.84 -24.19
N LEU B 147 -13.61 -2.74 -24.23
CA LEU B 147 -12.17 -2.76 -24.13
C LEU B 147 -11.74 -3.16 -22.74
N LEU B 148 -12.34 -2.61 -21.69
CA LEU B 148 -11.97 -3.00 -20.33
C LEU B 148 -12.14 -4.49 -20.14
N ARG B 149 -13.31 -4.99 -20.52
CA ARG B 149 -13.59 -6.42 -20.47
C ARG B 149 -12.53 -7.23 -21.25
N ASP B 150 -12.24 -6.83 -22.48
CA ASP B 150 -11.26 -7.56 -23.29
C ASP B 150 -9.88 -7.60 -22.69
N LYS B 151 -9.42 -6.45 -22.21
CA LYS B 151 -8.10 -6.30 -21.61
C LYS B 151 -8.01 -7.21 -20.38
N PHE B 152 -9.09 -7.26 -19.61
CA PHE B 152 -9.07 -8.08 -18.42
C PHE B 152 -9.11 -9.61 -18.71
N ARG B 153 -9.68 -10.00 -19.84
CA ARG B 153 -9.66 -11.41 -20.18
C ARG B 153 -8.23 -11.77 -20.52
N ASP B 154 -7.55 -10.89 -21.25
CA ASP B 154 -6.14 -11.03 -21.55
C ASP B 154 -5.33 -11.11 -20.27
N PHE B 155 -5.59 -10.19 -19.35
CA PHE B 155 -4.91 -10.15 -18.07
C PHE B 155 -5.15 -11.43 -17.25
N ALA B 156 -6.40 -11.89 -17.25
CA ALA B 156 -6.71 -13.10 -16.54
C ALA B 156 -5.90 -14.29 -17.01
N ARG B 157 -5.85 -14.47 -18.32
CA ARG B 157 -5.21 -15.62 -18.90
C ARG B 157 -3.73 -15.63 -18.70
N GLU B 158 -3.05 -14.50 -18.93
CA GLU B 158 -1.60 -14.46 -18.73
C GLU B 158 -1.27 -14.59 -17.24
N THR B 159 -1.98 -13.87 -16.38
CA THR B 159 -1.74 -13.95 -14.95
C THR B 159 -1.89 -15.42 -14.53
N GLY B 160 -2.92 -16.09 -15.02
CA GLY B 160 -3.16 -17.52 -14.73
C GLY B 160 -2.06 -18.43 -15.25
N ALA B 161 -1.67 -18.26 -16.50
CA ALA B 161 -0.62 -19.12 -17.07
C ALA B 161 0.70 -18.98 -16.34
N ILE B 162 1.17 -17.76 -16.24
CA ILE B 162 2.43 -17.40 -15.57
C ILE B 162 2.39 -17.71 -14.09
N GLY B 163 1.29 -17.41 -13.44
CA GLY B 163 1.17 -17.70 -12.00
C GLY B 163 1.25 -19.20 -11.74
N GLN B 164 0.46 -20.00 -12.47
CA GLN B 164 0.45 -21.42 -12.23
C GLN B 164 1.82 -22.02 -12.40
N GLU B 165 2.59 -21.54 -13.38
CA GLU B 165 3.91 -22.12 -13.55
C GLU B 165 4.81 -21.83 -12.32
N ARG B 166 4.77 -20.60 -11.86
CA ARG B 166 5.61 -20.19 -10.73
C ARG B 166 5.23 -20.96 -9.50
N VAL B 167 3.93 -20.99 -9.16
CA VAL B 167 3.43 -21.73 -8.01
C VAL B 167 3.87 -23.20 -8.11
N ASP B 168 3.78 -23.78 -9.29
CA ASP B 168 4.19 -25.16 -9.48
C ASP B 168 5.63 -25.42 -9.15
N ASN B 169 6.54 -24.53 -9.58
CA ASN B 169 7.98 -24.69 -9.30
C ASN B 169 8.32 -24.55 -7.82
N VAL B 170 7.64 -23.63 -7.14
CA VAL B 170 7.89 -23.40 -5.73
C VAL B 170 7.36 -24.58 -4.98
N ASN B 171 6.22 -25.08 -5.40
CA ASN B 171 5.71 -26.29 -4.79
C ASN B 171 6.71 -27.45 -4.95
N ALA B 172 7.21 -27.66 -6.16
CA ALA B 172 8.18 -28.73 -6.41
C ALA B 172 9.48 -28.52 -5.65
N PHE B 173 9.94 -27.28 -5.57
CA PHE B 173 11.12 -26.97 -4.80
C PHE B 173 10.89 -27.37 -3.35
N ILE B 174 9.79 -26.90 -2.78
CA ILE B 174 9.41 -27.25 -1.41
C ILE B 174 9.34 -28.79 -1.20
N GLU B 175 8.71 -29.52 -2.12
CA GLU B 175 8.65 -31.00 -1.96
C GLU B 175 10.04 -31.66 -2.00
N ARG B 176 10.90 -31.23 -2.92
CA ARG B 176 12.27 -31.76 -2.98
C ARG B 176 12.98 -31.53 -1.65
N LEU B 177 12.78 -30.36 -1.03
CA LEU B 177 13.41 -30.17 0.26
C LEU B 177 12.78 -31.09 1.31
N ILE B 178 11.46 -31.05 1.44
CA ILE B 178 10.86 -31.90 2.45
C ILE B 178 11.25 -33.36 2.25
N ASP B 179 11.13 -33.83 1.01
CA ASP B 179 11.36 -35.24 0.72
C ASP B 179 12.80 -35.63 0.96
N ALA B 180 13.72 -34.70 0.68
CA ALA B 180 15.17 -34.94 0.89
C ALA B 180 15.53 -34.93 2.36
N GLY B 181 14.66 -34.34 3.17
CA GLY B 181 14.86 -34.33 4.62
C GLY B 181 15.54 -33.06 5.04
N HIS B 182 14.87 -32.28 5.86
CA HIS B 182 15.22 -30.91 6.10
C HIS B 182 14.74 -30.49 7.46
N SER B 183 15.64 -30.03 8.29
CA SER B 183 15.31 -29.69 9.68
C SER B 183 14.11 -28.75 9.82
N GLU B 184 13.75 -28.03 8.76
CA GLU B 184 12.71 -26.97 8.86
C GLU B 184 11.41 -27.27 8.13
N ALA B 185 11.17 -28.55 7.86
CA ALA B 185 10.04 -29.05 7.12
C ALA B 185 8.69 -28.51 7.53
N ALA B 186 8.47 -28.47 8.83
CA ALA B 186 7.21 -27.98 9.34
C ALA B 186 6.93 -26.52 8.89
N THR B 187 7.93 -25.66 8.98
CA THR B 187 7.85 -24.26 8.60
C THR B 187 7.64 -24.20 7.13
N ILE B 188 8.48 -24.92 6.39
CA ILE B 188 8.35 -24.96 4.93
C ILE B 188 6.89 -25.35 4.47
N ALA B 189 6.32 -26.40 5.05
CA ALA B 189 4.98 -26.81 4.68
C ALA B 189 4.03 -25.67 4.95
N GLU B 190 4.28 -24.97 6.07
CA GLU B 190 3.45 -23.87 6.49
C GLU B 190 3.48 -22.72 5.45
N TRP B 191 4.65 -22.46 4.87
CA TRP B 191 4.81 -21.50 3.79
C TRP B 191 4.07 -21.99 2.52
N LYS B 192 4.17 -23.27 2.24
CA LYS B 192 3.48 -23.85 1.08
C LYS B 192 1.98 -23.67 1.16
N ASP B 193 1.39 -24.00 2.33
CA ASP B 193 -0.03 -23.75 2.56
C ASP B 193 -0.40 -22.31 2.30
N GLY B 194 0.35 -21.39 2.90
CA GLY B 194 0.13 -19.97 2.71
C GLY B 194 0.16 -19.53 1.27
N LEU B 195 1.18 -19.98 0.57
CA LEU B 195 1.38 -19.65 -0.82
C LEU B 195 0.24 -20.16 -1.64
N ASN B 196 -0.08 -21.45 -1.49
CA ASN B 196 -1.20 -22.02 -2.23
C ASN B 196 -2.56 -21.34 -1.91
N GLU B 197 -2.83 -20.92 -0.68
CA GLU B 197 -4.09 -20.22 -0.42
C GLU B 197 -4.13 -18.89 -1.11
N MET B 198 -2.99 -18.19 -1.14
CA MET B 198 -2.94 -16.88 -1.75
C MET B 198 -3.29 -17.03 -3.21
N TRP B 199 -2.71 -18.05 -3.81
CA TRP B 199 -2.94 -18.33 -5.22
C TRP B 199 -4.42 -18.67 -5.47
N ALA B 200 -5.02 -19.52 -4.68
CA ALA B 200 -6.45 -19.82 -4.87
C ALA B 200 -7.33 -18.56 -4.72
N ASP B 201 -7.07 -17.76 -3.67
CA ASP B 201 -7.77 -16.53 -3.43
C ASP B 201 -7.62 -15.61 -4.65
N LEU B 202 -6.41 -15.49 -5.20
CA LEU B 202 -6.23 -14.69 -6.40
C LEU B 202 -7.08 -15.18 -7.59
N LEU B 203 -6.97 -16.46 -7.93
CA LEU B 203 -7.71 -16.92 -9.08
C LEU B 203 -9.17 -16.57 -8.89
N GLU B 204 -9.69 -16.70 -7.68
CA GLU B 204 -11.13 -16.38 -7.50
C GLU B 204 -11.38 -14.88 -7.71
N LEU B 205 -10.49 -14.06 -7.14
CA LEU B 205 -10.60 -12.61 -7.23
C LEU B 205 -10.56 -12.16 -8.69
N ILE B 206 -9.75 -12.85 -9.49
CA ILE B 206 -9.68 -12.50 -10.89
C ILE B 206 -10.99 -12.91 -11.49
N ASP B 207 -11.52 -14.05 -11.04
CA ASP B 207 -12.77 -14.50 -11.59
C ASP B 207 -13.96 -13.57 -11.29
N THR B 208 -14.05 -13.10 -10.07
CA THR B 208 -15.20 -12.25 -9.79
C THR B 208 -15.16 -10.96 -10.49
N ARG B 209 -13.94 -10.45 -10.71
CA ARG B 209 -13.75 -9.20 -11.42
C ARG B 209 -14.23 -9.42 -12.87
N MET B 210 -13.95 -10.60 -13.45
CA MET B 210 -14.47 -10.95 -14.77
C MET B 210 -16.01 -10.92 -14.76
N GLN B 211 -16.63 -11.54 -13.75
CA GLN B 211 -18.08 -11.53 -13.67
C GLN B 211 -18.59 -10.12 -13.52
N LEU B 212 -17.87 -9.32 -12.72
CA LEU B 212 -18.27 -7.93 -12.50
C LEU B 212 -18.27 -7.16 -13.82
N LEU B 213 -17.18 -7.26 -14.59
CA LEU B 213 -17.13 -6.62 -15.90
C LEU B 213 -18.23 -7.12 -16.82
N ALA B 214 -18.47 -8.43 -16.81
CA ALA B 214 -19.50 -8.96 -17.70
C ALA B 214 -20.84 -8.30 -17.40
N ALA B 215 -21.11 -8.09 -16.12
CA ALA B 215 -22.36 -7.47 -15.73
C ALA B 215 -22.38 -6.09 -16.32
N SER B 216 -21.29 -5.35 -16.13
CA SER B 216 -21.22 -3.99 -16.65
C SER B 216 -21.41 -4.01 -18.17
N TYR B 217 -20.79 -4.97 -18.84
CA TYR B 217 -20.90 -5.08 -20.27
C TYR B 217 -22.36 -5.21 -20.71
N ASP B 218 -23.14 -6.03 -20.00
CA ASP B 218 -24.55 -6.26 -20.34
C ASP B 218 -25.40 -5.03 -20.17
N LEU B 219 -25.11 -4.27 -19.12
CA LEU B 219 -25.82 -3.05 -18.83
C LEU B 219 -25.58 -2.04 -19.94
N HIS B 220 -24.34 -1.82 -20.31
CA HIS B 220 -24.04 -0.94 -21.39
C HIS B 220 -24.53 -1.52 -22.71
N ARG B 221 -24.46 -2.83 -22.86
CA ARG B 221 -24.98 -3.46 -24.10
C ARG B 221 -26.47 -3.17 -24.30
N TYR B 222 -27.21 -3.13 -23.18
CA TYR B 222 -28.62 -2.84 -23.20
C TYR B 222 -28.88 -1.37 -23.61
N PHE B 223 -28.32 -0.40 -22.90
CA PHE B 223 -28.52 0.98 -23.33
C PHE B 223 -28.04 1.16 -24.76
N TYR B 224 -26.93 0.57 -25.15
CA TYR B 224 -26.51 0.70 -26.54
C TYR B 224 -27.58 0.20 -27.50
N THR B 225 -28.14 -0.98 -27.19
CA THR B 225 -29.16 -1.60 -28.03
C THR B 225 -30.47 -0.79 -28.12
N GLY B 226 -30.92 -0.29 -26.97
CA GLY B 226 -32.10 0.52 -26.88
C GLY B 226 -32.00 1.74 -27.79
N ALA B 227 -30.87 2.40 -27.74
CA ALA B 227 -30.69 3.58 -28.57
C ALA B 227 -30.68 3.20 -30.03
N GLU B 228 -30.13 2.03 -30.35
CA GLU B 228 -30.03 1.57 -31.75
C GLU B 228 -31.43 1.39 -32.26
N ILE B 229 -32.19 0.61 -31.50
CA ILE B 229 -33.59 0.30 -31.75
C ILE B 229 -34.44 1.54 -31.91
N LEU B 230 -34.21 2.56 -31.08
CA LEU B 230 -35.01 3.76 -31.16
C LEU B 230 -34.78 4.48 -32.48
N GLY B 231 -33.54 4.41 -32.97
CA GLY B 231 -33.11 4.95 -34.23
C GLY B 231 -33.77 4.21 -35.37
N LEU B 232 -33.75 2.87 -35.33
CA LEU B 232 -34.38 2.06 -36.40
C LEU B 232 -35.87 2.27 -36.51
N ILE B 233 -36.50 2.45 -35.34
CA ILE B 233 -37.93 2.64 -35.27
C ILE B 233 -38.28 3.98 -35.93
N ASP B 234 -37.44 4.97 -35.65
CA ASP B 234 -37.59 6.30 -36.20
C ASP B 234 -37.47 6.27 -37.73
N GLU B 235 -36.41 5.64 -38.24
CA GLU B 235 -36.19 5.52 -39.67
C GLU B 235 -37.39 4.86 -40.35
N LYS B 236 -38.00 3.89 -39.70
CA LYS B 236 -39.22 3.30 -40.30
C LYS B 236 -40.42 4.28 -40.34
N HIS B 237 -40.62 5.00 -39.25
CA HIS B 237 -41.70 5.97 -39.13
C HIS B 237 -41.55 7.10 -40.17
N ARG B 238 -40.39 7.72 -40.19
CA ARG B 238 -40.05 8.74 -41.13
C ARG B 238 -40.18 8.19 -42.56
N GLU B 239 -40.10 6.88 -42.75
CA GLU B 239 -40.24 6.27 -44.09
C GLU B 239 -41.67 6.31 -44.64
N LEU B 240 -42.69 6.23 -43.76
CA LEU B 240 -44.10 6.25 -44.15
C LEU B 240 -44.51 7.43 -45.05
N PRO B 241 -45.31 7.14 -46.06
CA PRO B 241 -45.77 8.26 -46.87
C PRO B 241 -46.87 9.03 -46.13
N GLU B 242 -47.07 10.28 -46.47
CA GLU B 242 -48.19 10.95 -45.87
C GLU B 242 -49.50 10.23 -46.09
N ASP B 243 -50.27 10.01 -45.02
CA ASP B 243 -51.68 9.52 -45.18
C ASP B 243 -52.64 10.62 -45.74
N VAL B 244 -53.11 10.43 -46.97
CA VAL B 244 -53.99 11.43 -47.60
C VAL B 244 -55.38 10.85 -47.94
N GLY B 245 -55.65 9.65 -47.43
CA GLY B 245 -57.01 9.10 -47.45
C GLY B 245 -57.31 8.14 -48.58
N LEU B 246 -56.26 7.55 -49.13
CA LEU B 246 -56.38 6.52 -50.16
C LEU B 246 -55.92 5.16 -49.58
N ASP B 247 -56.57 4.78 -48.48
CA ASP B 247 -56.24 3.62 -47.63
C ASP B 247 -54.84 3.67 -46.96
N VAL B 257 -50.94 -9.56 -50.75
CA VAL B 257 -49.48 -9.66 -51.00
C VAL B 257 -48.59 -9.07 -49.90
N HIS B 258 -47.30 -9.43 -49.93
CA HIS B 258 -46.29 -8.90 -49.00
C HIS B 258 -45.52 -7.74 -49.59
N THR B 259 -44.81 -7.01 -48.75
CA THR B 259 -43.90 -5.95 -49.21
C THR B 259 -42.67 -5.95 -48.34
N ALA B 260 -41.57 -5.41 -48.90
CA ALA B 260 -40.30 -5.28 -48.18
C ALA B 260 -40.48 -4.63 -46.81
N PHE B 261 -41.48 -3.76 -46.75
CA PHE B 261 -41.71 -2.92 -45.62
C PHE B 261 -42.34 -3.75 -44.50
N GLU B 262 -43.39 -4.50 -44.80
CA GLU B 262 -44.09 -5.30 -43.81
C GLU B 262 -43.08 -6.24 -43.16
N ARG B 263 -42.21 -6.82 -43.99
CA ARG B 263 -41.19 -7.76 -43.48
C ARG B 263 -40.17 -7.06 -42.57
N ASP B 264 -39.83 -5.82 -42.92
CA ASP B 264 -38.89 -5.02 -42.13
C ASP B 264 -39.46 -4.66 -40.76
N VAL B 265 -40.72 -4.24 -40.72
CA VAL B 265 -41.41 -3.95 -39.46
C VAL B 265 -41.60 -5.19 -38.55
N HIS B 266 -41.91 -6.33 -39.15
CA HIS B 266 -42.08 -7.57 -38.42
C HIS B 266 -40.78 -7.94 -37.75
N LEU B 267 -39.69 -7.94 -38.52
CA LEU B 267 -38.38 -8.27 -37.97
C LEU B 267 -37.99 -7.36 -36.79
N LEU B 268 -38.36 -6.09 -36.92
CA LEU B 268 -38.14 -5.06 -35.91
C LEU B 268 -38.93 -5.38 -34.64
N GLY B 269 -40.17 -5.80 -34.84
CA GLY B 269 -41.03 -6.22 -33.75
C GLY B 269 -40.48 -7.40 -32.99
N VAL B 270 -39.77 -8.29 -33.69
CA VAL B 270 -39.19 -9.42 -33.01
C VAL B 270 -38.09 -8.87 -32.12
N GLN B 271 -37.25 -7.98 -32.66
CA GLN B 271 -36.17 -7.31 -31.86
C GLN B 271 -36.70 -6.57 -30.63
N VAL B 272 -37.89 -6.00 -30.76
CA VAL B 272 -38.53 -5.27 -29.67
C VAL B 272 -39.00 -6.22 -28.62
N GLN B 273 -39.59 -7.35 -29.04
CA GLN B 273 -39.99 -8.38 -28.09
C GLN B 273 -38.70 -8.83 -27.32
N GLN B 274 -37.61 -9.06 -28.05
CA GLN B 274 -36.36 -9.51 -27.45
C GLN B 274 -35.75 -8.52 -26.50
N PHE B 275 -35.82 -7.24 -26.85
CA PHE B 275 -35.29 -6.17 -26.02
C PHE B 275 -36.10 -6.03 -24.72
N GLN B 276 -37.40 -6.27 -24.83
CA GLN B 276 -38.30 -6.23 -23.68
C GLN B 276 -37.90 -7.30 -22.68
N ASP B 277 -37.59 -8.50 -23.17
CA ASP B 277 -37.17 -9.62 -22.32
C ASP B 277 -35.85 -9.31 -21.61
N VAL B 278 -34.90 -8.71 -22.32
CA VAL B 278 -33.65 -8.34 -21.69
C VAL B 278 -33.96 -7.32 -20.58
N ALA B 279 -34.79 -6.34 -20.88
CA ALA B 279 -35.16 -5.37 -19.85
C ALA B 279 -35.73 -5.99 -18.58
N THR B 280 -36.59 -6.98 -18.70
CA THR B 280 -37.15 -7.66 -17.54
C THR B 280 -36.06 -8.34 -16.72
N ARG B 281 -35.21 -9.14 -17.38
CA ARG B 281 -34.13 -9.87 -16.70
C ARG B 281 -33.25 -8.86 -15.95
N LEU B 282 -32.81 -7.82 -16.61
CA LEU B 282 -31.97 -6.85 -15.91
C LEU B 282 -32.61 -6.17 -14.70
N GLN B 283 -33.86 -5.72 -14.80
CA GLN B 283 -34.50 -5.04 -13.66
C GLN B 283 -34.29 -5.87 -12.41
N THR B 284 -34.46 -7.18 -12.55
CA THR B 284 -34.19 -8.16 -11.53
C THR B 284 -32.90 -7.84 -10.73
N ALA B 285 -31.82 -7.50 -11.44
CA ALA B 285 -30.49 -7.27 -10.86
C ALA B 285 -30.23 -5.92 -10.26
N TYR B 286 -31.02 -4.93 -10.66
CA TYR B 286 -30.84 -3.57 -10.17
C TYR B 286 -31.95 -3.09 -9.25
N ALA B 287 -31.75 -1.94 -8.62
CA ALA B 287 -32.82 -1.34 -7.83
C ALA B 287 -32.63 0.16 -7.84
N GLY B 288 -33.54 0.90 -7.22
CA GLY B 288 -33.37 2.33 -7.13
C GLY B 288 -33.20 2.91 -8.51
N GLU B 289 -32.23 3.81 -8.66
CA GLU B 289 -32.18 4.73 -9.81
C GLU B 289 -31.92 4.00 -11.11
N LYS B 290 -30.97 3.07 -11.08
CA LYS B 290 -30.60 2.28 -12.26
C LYS B 290 -31.72 1.40 -12.76
N ALA B 291 -32.48 0.84 -11.85
CA ALA B 291 -33.60 0.00 -12.27
C ALA B 291 -34.66 0.89 -12.96
N GLU B 292 -34.76 2.13 -12.51
CA GLU B 292 -35.71 3.05 -13.08
C GLU B 292 -35.26 3.44 -14.46
N ALA B 293 -33.96 3.54 -14.66
CA ALA B 293 -33.47 3.91 -15.97
C ALA B 293 -33.69 2.77 -16.98
N ILE B 294 -33.55 1.52 -16.51
CA ILE B 294 -33.72 0.31 -17.34
C ILE B 294 -35.16 0.21 -17.78
N GLN B 295 -36.09 0.26 -16.81
CA GLN B 295 -37.53 0.23 -17.07
C GLN B 295 -37.92 1.35 -18.01
N ASN B 296 -37.43 2.55 -17.72
CA ASN B 296 -37.72 3.70 -18.54
C ASN B 296 -37.34 3.50 -19.98
N LYS B 297 -36.16 2.94 -20.23
CA LYS B 297 -35.72 2.78 -21.62
C LYS B 297 -36.61 1.75 -22.34
N GLU B 298 -37.11 0.78 -21.59
CA GLU B 298 -38.00 -0.19 -22.18
C GLU B 298 -39.31 0.50 -22.56
N GLN B 299 -39.83 1.32 -21.65
CA GLN B 299 -41.08 2.04 -21.88
C GLN B 299 -40.95 2.97 -23.09
N GLU B 300 -39.81 3.62 -23.21
CA GLU B 300 -39.60 4.47 -24.34
C GLU B 300 -39.61 3.63 -25.63
N VAL B 301 -38.92 2.50 -25.62
CA VAL B 301 -38.82 1.66 -26.82
C VAL B 301 -40.17 1.13 -27.30
N SER B 302 -40.98 0.66 -26.37
CA SER B 302 -42.30 0.14 -26.68
C SER B 302 -43.22 1.25 -27.17
N ALA B 303 -43.11 2.42 -26.55
CA ALA B 303 -43.93 3.57 -26.94
C ALA B 303 -43.66 3.91 -28.40
N ALA B 304 -42.38 3.94 -28.79
CA ALA B 304 -42.01 4.27 -30.17
C ALA B 304 -42.56 3.25 -31.14
N TRP B 305 -42.50 2.00 -30.69
CA TRP B 305 -42.91 0.85 -31.45
C TRP B 305 -44.39 0.86 -31.71
N GLN B 306 -45.18 1.18 -30.68
CA GLN B 306 -46.64 1.28 -30.80
C GLN B 306 -46.97 2.32 -31.83
N ALA B 307 -46.44 3.52 -31.64
CA ALA B 307 -46.61 4.66 -32.52
C ALA B 307 -46.43 4.25 -33.97
N LEU B 308 -45.41 3.45 -34.24
CA LEU B 308 -45.16 2.92 -35.57
C LEU B 308 -46.32 1.95 -36.02
N LEU B 309 -46.75 1.07 -35.12
CA LEU B 309 -47.84 0.18 -35.43
C LEU B 309 -49.09 1.00 -35.72
N ASP B 310 -49.35 1.97 -34.86
CA ASP B 310 -50.51 2.81 -35.01
C ASP B 310 -50.48 3.56 -36.33
N ALA B 311 -49.35 4.17 -36.68
CA ALA B 311 -49.25 4.97 -37.93
C ALA B 311 -49.21 4.21 -39.28
N CYS B 312 -48.87 2.92 -39.28
CA CYS B 312 -48.89 2.11 -40.51
C CYS B 312 -50.21 1.38 -40.78
N ALA B 313 -51.04 1.22 -39.75
CA ALA B 313 -52.34 0.54 -39.82
C ALA B 313 -53.29 1.14 -40.86
N THR C 4 -23.88 -21.11 -1.95
CA THR C 4 -22.59 -21.69 -2.53
C THR C 4 -21.29 -21.06 -1.97
N GLY C 5 -20.20 -21.87 -1.99
CA GLY C 5 -18.94 -21.52 -1.29
C GLY C 5 -18.17 -20.40 -1.94
N PHE C 6 -17.39 -19.68 -1.17
CA PHE C 6 -16.47 -18.72 -1.76
C PHE C 6 -15.19 -18.81 -0.98
N LEU C 7 -14.07 -18.53 -1.63
CA LEU C 7 -12.81 -18.39 -0.93
C LEU C 7 -12.72 -16.99 -0.30
N VAL C 8 -12.93 -15.95 -1.09
CA VAL C 8 -12.83 -14.56 -0.61
C VAL C 8 -13.72 -13.59 -1.41
N SER C 9 -14.43 -14.06 -2.42
CA SER C 9 -15.16 -13.17 -3.24
C SER C 9 -16.33 -13.81 -3.93
N PHE C 10 -17.36 -12.99 -4.15
CA PHE C 10 -18.54 -13.42 -4.96
C PHE C 10 -19.34 -12.23 -5.41
N MET C 11 -20.03 -12.45 -6.55
CA MET C 11 -20.94 -11.50 -7.13
C MET C 11 -22.30 -11.62 -6.44
N VAL C 12 -22.88 -10.47 -6.06
CA VAL C 12 -24.26 -10.42 -5.66
C VAL C 12 -25.01 -9.27 -6.39
N ASP C 13 -26.33 -9.40 -6.56
CA ASP C 13 -27.14 -8.28 -7.06
C ASP C 13 -28.46 -8.05 -6.28
N ALA C 14 -29.48 -7.49 -6.91
CA ALA C 14 -30.67 -7.13 -6.18
C ALA C 14 -31.45 -8.34 -5.67
N ARG C 15 -31.27 -9.47 -6.34
CA ARG C 15 -31.89 -10.73 -5.92
C ARG C 15 -31.33 -11.21 -4.55
N GLY C 16 -30.21 -10.65 -4.13
CA GLY C 16 -29.55 -11.12 -2.91
C GLY C 16 -28.86 -12.46 -3.11
N GLY C 17 -28.47 -13.07 -2.00
CA GLY C 17 -27.85 -14.39 -2.00
C GLY C 17 -27.21 -14.66 -0.66
N SER C 18 -27.05 -15.95 -0.37
CA SER C 18 -26.46 -16.45 0.85
C SER C 18 -25.18 -17.17 0.48
N MET C 19 -24.07 -16.86 1.16
CA MET C 19 -22.77 -17.50 0.86
C MET C 19 -22.05 -17.97 2.11
N ARG C 20 -21.46 -19.16 2.06
CA ARG C 20 -20.59 -19.64 3.15
C ARG C 20 -19.17 -19.85 2.61
N GLY C 21 -18.16 -19.65 3.47
CA GLY C 21 -16.78 -19.92 3.06
C GLY C 21 -16.68 -21.42 2.71
N SER C 22 -16.18 -21.76 1.50
CA SER C 22 -15.66 -23.11 1.19
C SER C 22 -14.57 -23.57 2.17
N ARG C 23 -13.67 -22.66 2.61
CA ARG C 23 -12.56 -23.03 3.46
C ARG C 23 -13.03 -23.13 4.88
N HIS C 24 -13.98 -22.27 5.21
CA HIS C 24 -14.43 -22.05 6.59
C HIS C 24 -15.94 -21.93 6.58
N ASN C 25 -16.57 -23.07 6.88
CA ASN C 25 -17.99 -23.26 6.70
C ASN C 25 -18.79 -22.28 7.53
N GLY C 26 -18.21 -21.83 8.65
CA GLY C 26 -18.94 -21.01 9.60
C GLY C 26 -18.92 -19.54 9.26
N LEU C 27 -18.13 -19.15 8.29
CA LEU C 27 -18.17 -17.81 7.84
C LEU C 27 -19.30 -17.72 6.82
N ARG C 28 -20.14 -16.70 6.99
CA ARG C 28 -21.39 -16.60 6.26
C ARG C 28 -21.78 -15.15 5.98
N VAL C 29 -22.27 -14.94 4.76
CA VAL C 29 -22.75 -13.63 4.29
C VAL C 29 -24.10 -13.78 3.61
N VAL C 30 -25.06 -13.03 4.14
CA VAL C 30 -26.39 -13.11 3.63
C VAL C 30 -26.78 -11.72 3.18
N ILE C 31 -26.87 -11.54 1.87
CA ILE C 31 -27.28 -10.26 1.34
C ILE C 31 -28.69 -10.47 0.83
N PRO C 32 -29.69 -10.02 1.61
CA PRO C 32 -31.11 -10.21 1.32
C PRO C 32 -31.58 -9.57 0.00
N PRO C 33 -32.73 -10.04 -0.52
CA PRO C 33 -33.24 -9.44 -1.74
C PRO C 33 -33.47 -7.95 -1.51
N ARG C 34 -33.31 -7.18 -2.58
CA ARG C 34 -33.67 -5.75 -2.59
C ARG C 34 -32.84 -4.95 -1.58
N THR C 35 -31.74 -5.53 -1.10
CA THR C 35 -30.82 -4.81 -0.22
C THR C 35 -29.59 -4.27 -0.94
N CYS C 36 -29.19 -4.94 -2.02
CA CYS C 36 -28.08 -4.49 -2.83
C CYS C 36 -28.55 -3.88 -4.16
N ALA C 37 -28.15 -2.63 -4.44
CA ALA C 37 -28.75 -1.84 -5.52
C ALA C 37 -28.26 -2.15 -6.90
N ALA C 38 -27.21 -2.93 -7.00
CA ALA C 38 -26.58 -3.20 -8.30
C ALA C 38 -25.62 -4.42 -8.18
N PRO C 39 -25.28 -5.07 -9.32
CA PRO C 39 -24.34 -6.14 -9.26
C PRO C 39 -23.04 -5.61 -8.64
N THR C 40 -22.62 -6.24 -7.58
CA THR C 40 -21.56 -5.74 -6.76
C THR C 40 -20.65 -6.93 -6.45
N ARG C 41 -19.34 -6.69 -6.41
CA ARG C 41 -18.39 -7.77 -6.12
C ARG C 41 -17.94 -7.59 -4.71
N ILE C 42 -18.43 -8.48 -3.87
CA ILE C 42 -18.20 -8.48 -2.46
C ILE C 42 -16.93 -9.29 -2.25
N THR C 43 -16.10 -8.82 -1.33
CA THR C 43 -14.89 -9.52 -0.97
C THR C 43 -14.92 -9.62 0.52
N CYS C 44 -14.34 -10.69 1.02
CA CYS C 44 -14.25 -10.88 2.43
C CYS C 44 -12.97 -11.64 2.78
N ARG C 45 -12.03 -10.95 3.41
CA ARG C 45 -10.73 -11.50 3.76
C ARG C 45 -10.49 -11.59 5.26
N LEU C 46 -9.78 -12.61 5.72
CA LEU C 46 -9.45 -12.72 7.14
C LEU C 46 -7.97 -12.44 7.18
N VAL C 47 -7.64 -11.29 7.74
CA VAL C 47 -6.28 -10.79 7.76
C VAL C 47 -5.75 -10.89 9.17
N LYS C 48 -4.48 -11.30 9.27
CA LYS C 48 -3.80 -11.49 10.55
C LYS C 48 -3.54 -10.13 11.17
N PRO C 49 -3.82 -9.97 12.46
CA PRO C 49 -3.70 -8.67 13.14
C PRO C 49 -2.35 -7.97 12.95
N GLN C 50 -1.25 -8.73 12.87
CA GLN C 50 0.07 -8.09 12.69
C GLN C 50 0.36 -7.60 11.25
N LYS C 51 -0.54 -7.86 10.30
CA LYS C 51 -0.45 -7.23 8.96
C LYS C 51 -0.85 -5.75 9.03
N LEU C 52 -1.67 -5.41 10.02
CA LEU C 52 -2.19 -4.06 10.15
C LEU C 52 -1.13 -3.15 10.73
N SER C 53 -1.05 -1.91 10.26
CA SER C 53 -0.07 -0.96 10.84
C SER C 53 -0.50 -0.36 12.20
N THR C 54 -1.81 -0.15 12.37
CA THR C 54 -2.40 0.10 13.69
C THR C 54 -3.55 -0.88 13.99
N PRO C 55 -3.26 -1.93 14.79
CA PRO C 55 -4.24 -2.96 15.13
C PRO C 55 -5.13 -2.44 16.25
N PRO C 56 -6.17 -3.21 16.64
CA PRO C 56 -7.02 -2.73 17.73
C PRO C 56 -6.25 -2.60 19.03
N PRO C 57 -6.32 -1.42 19.66
CA PRO C 57 -5.74 -1.18 20.98
C PRO C 57 -6.45 -2.07 22.00
N LEU C 58 -5.71 -2.86 22.74
CA LEU C 58 -6.32 -3.63 23.80
C LEU C 58 -5.77 -3.25 25.16
N ALA C 59 -6.66 -3.21 26.15
CA ALA C 59 -6.28 -3.11 27.55
C ALA C 59 -5.88 -4.49 28.12
N GLU C 60 -5.44 -4.49 29.37
CA GLU C 60 -4.79 -5.63 30.02
C GLU C 60 -5.49 -6.99 29.88
N GLU C 61 -6.80 -7.07 30.12
CA GLU C 61 -7.50 -8.36 30.10
C GLU C 61 -8.33 -8.58 28.86
N GLU C 62 -7.92 -7.96 27.76
CA GLU C 62 -8.64 -8.06 26.49
C GLU C 62 -7.86 -8.86 25.45
N GLY C 63 -8.59 -9.53 24.58
CA GLY C 63 -7.93 -10.30 23.55
C GLY C 63 -8.73 -10.32 22.26
N LEU C 64 -8.07 -10.66 21.15
CA LEU C 64 -8.82 -10.77 19.89
C LEU C 64 -9.34 -12.19 19.84
N ALA C 65 -10.59 -12.31 19.43
CA ALA C 65 -11.24 -13.61 19.38
C ALA C 65 -11.51 -14.03 17.94
N SER C 66 -10.98 -13.26 16.99
CA SER C 66 -10.94 -13.66 15.60
C SER C 66 -9.85 -12.93 14.89
N ARG C 67 -9.69 -13.29 13.62
CA ARG C 67 -8.83 -12.50 12.77
C ARG C 67 -9.56 -11.21 12.43
N ILE C 68 -8.83 -10.28 11.82
CA ILE C 68 -9.47 -9.08 11.27
C ILE C 68 -10.33 -9.41 10.05
N ILE C 69 -11.51 -8.84 10.01
CA ILE C 69 -12.38 -9.15 8.91
C ILE C 69 -12.49 -7.94 8.02
N ALA C 70 -12.15 -8.09 6.74
CA ALA C 70 -12.16 -6.98 5.79
C ALA C 70 -13.20 -7.27 4.75
N LEU C 71 -14.33 -6.58 4.86
CA LEU C 71 -15.39 -6.76 3.89
C LEU C 71 -15.28 -5.61 2.90
N GLY C 72 -15.44 -5.95 1.61
CA GLY C 72 -15.36 -4.96 0.55
C GLY C 72 -16.45 -5.11 -0.50
N PRO C 73 -16.69 -4.04 -1.26
CA PRO C 73 -15.83 -2.88 -1.28
C PRO C 73 -15.90 -2.08 0.00
N THR C 74 -14.76 -1.62 0.51
CA THR C 74 -14.73 -0.71 1.65
C THR C 74 -15.68 0.47 1.40
N GLY C 75 -16.59 0.72 2.35
CA GLY C 75 -17.51 1.83 2.22
C GLY C 75 -18.86 1.57 1.59
N ALA C 76 -19.15 0.31 1.28
CA ALA C 76 -20.43 -0.03 0.63
C ALA C 76 -21.63 0.20 1.52
N GLN C 77 -22.66 0.78 0.94
CA GLN C 77 -23.93 1.01 1.61
C GLN C 77 -24.96 0.08 1.01
N PHE C 78 -25.71 -0.62 1.85
CA PHE C 78 -26.86 -1.37 1.36
C PHE C 78 -28.08 -0.59 1.76
N LEU C 79 -29.19 -0.84 1.08
CA LEU C 79 -30.46 -0.10 1.33
C LEU C 79 -31.20 -0.61 2.59
N SER C 80 -30.71 -1.72 3.14
CA SER C 80 -31.27 -2.39 4.31
C SER C 80 -30.22 -3.40 4.78
N PRO C 81 -30.10 -3.61 6.10
CA PRO C 81 -29.12 -4.45 6.77
C PRO C 81 -28.78 -5.78 6.10
N VAL C 82 -27.50 -6.11 6.11
CA VAL C 82 -26.98 -7.39 5.61
C VAL C 82 -26.42 -8.11 6.83
N ILE C 83 -26.39 -9.44 6.79
CA ILE C 83 -25.93 -10.23 7.91
C ILE C 83 -24.65 -10.93 7.54
N VAL C 84 -23.66 -10.89 8.44
CA VAL C 84 -22.37 -11.58 8.25
C VAL C 84 -22.12 -12.40 9.49
N GLU C 85 -21.78 -13.69 9.34
CA GLU C 85 -21.48 -14.52 10.53
C GLU C 85 -20.01 -14.85 10.51
N ILE C 86 -19.37 -14.64 11.66
CA ILE C 86 -17.91 -14.83 11.79
C ILE C 86 -17.63 -15.80 12.92
N PRO C 87 -16.83 -16.86 12.66
CA PRO C 87 -16.50 -17.77 13.79
C PRO C 87 -15.36 -17.19 14.62
N HIS C 88 -15.37 -17.47 15.93
CA HIS C 88 -14.38 -16.96 16.88
C HIS C 88 -13.75 -18.04 17.73
N PHE C 89 -12.72 -17.70 18.50
CA PHE C 89 -12.07 -18.65 19.36
C PHE C 89 -12.93 -18.84 20.54
N ALA C 90 -12.74 -19.93 21.27
CA ALA C 90 -13.28 -20.01 22.62
C ALA C 90 -12.56 -18.91 23.45
N SER C 91 -13.21 -18.33 24.45
CA SER C 91 -12.54 -17.30 25.22
C SER C 91 -12.01 -17.92 26.53
N HIS C 92 -11.06 -17.26 27.19
CA HIS C 92 -10.31 -17.92 28.27
C HIS C 92 -9.87 -16.95 29.38
N GLY C 93 -9.93 -17.39 30.65
CA GLY C 93 -9.77 -16.50 31.81
C GLY C 93 -10.74 -16.74 32.95
N ARG C 97 -14.93 -14.08 28.63
CA ARG C 97 -16.35 -14.39 28.74
C ARG C 97 -17.30 -13.47 27.91
N GLU C 98 -16.91 -12.23 27.62
CA GLU C 98 -17.80 -11.33 26.84
C GLU C 98 -17.24 -10.98 25.47
N LEU C 99 -18.10 -11.04 24.47
CA LEU C 99 -17.71 -10.77 23.11
C LEU C 99 -18.36 -9.52 22.60
N VAL C 100 -17.57 -8.69 21.95
CA VAL C 100 -18.06 -7.45 21.38
C VAL C 100 -17.48 -7.35 20.00
N VAL C 101 -18.16 -6.60 19.15
CA VAL C 101 -17.69 -6.41 17.82
C VAL C 101 -17.12 -5.01 17.74
N LEU C 102 -15.94 -4.90 17.16
CA LEU C 102 -15.29 -3.61 16.96
C LEU C 102 -15.22 -3.33 15.47
N ARG C 103 -15.23 -2.05 15.11
CA ARG C 103 -15.09 -1.65 13.71
C ARG C 103 -14.21 -0.44 13.61
N SER C 104 -13.53 -0.31 12.50
CA SER C 104 -12.69 0.84 12.25
C SER C 104 -13.03 1.25 10.83
N GLU C 105 -13.40 2.51 10.66
CA GLU C 105 -13.81 3.05 9.34
C GLU C 105 -12.69 3.11 8.30
N ASN C 106 -11.55 3.67 8.69
CA ASN C 106 -10.43 3.90 7.78
C ASN C 106 -9.19 3.20 8.28
N GLY C 107 -9.30 2.51 9.42
CA GLY C 107 -8.23 1.63 9.88
C GLY C 107 -7.39 2.13 11.03
N SER C 108 -7.57 3.40 11.38
CA SER C 108 -6.81 4.02 12.49
C SER C 108 -7.56 4.12 13.82
N VAL C 109 -8.90 4.13 13.79
CA VAL C 109 -9.69 4.29 15.03
C VAL C 109 -10.68 3.17 15.19
N TRP C 110 -10.69 2.53 16.36
CA TRP C 110 -11.57 1.39 16.64
C TRP C 110 -12.68 1.69 17.65
N LYS C 111 -13.93 1.53 17.21
CA LYS C 111 -15.11 1.69 18.09
C LYS C 111 -15.97 0.43 18.12
N GLU C 112 -16.86 0.35 19.10
CA GLU C 112 -17.73 -0.80 19.23
C GLU C 112 -18.87 -0.68 18.24
N HIS C 113 -19.29 -1.82 17.68
CA HIS C 113 -20.32 -1.81 16.63
C HIS C 113 -21.74 -2.04 17.13
N ARG C 114 -22.60 -1.15 16.66
CA ARG C 114 -23.99 -1.09 17.05
C ARG C 114 -24.88 -0.89 15.80
N SER C 115 -26.09 -1.45 15.88
CA SER C 115 -27.03 -1.49 14.76
C SER C 115 -28.40 -0.86 15.08
N GLY C 118 -30.73 -5.77 15.27
CA GLY C 118 -30.67 -6.85 16.26
C GLY C 118 -31.72 -7.95 16.09
N GLU C 119 -31.64 -8.94 17.00
CA GLU C 119 -32.41 -10.24 17.02
C GLU C 119 -33.79 -10.37 16.36
N SER C 120 -34.78 -9.65 16.88
CA SER C 120 -36.16 -9.76 16.40
C SER C 120 -36.43 -9.23 14.97
N TYR C 121 -35.57 -8.32 14.50
CA TYR C 121 -35.71 -7.72 13.16
C TYR C 121 -35.23 -8.65 12.05
N LEU C 122 -34.68 -9.82 12.40
CA LEU C 122 -34.19 -10.78 11.39
C LEU C 122 -35.19 -11.12 10.26
N ASP C 123 -36.41 -11.54 10.62
CA ASP C 123 -37.46 -11.86 9.63
C ASP C 123 -37.69 -10.72 8.62
N GLN C 124 -37.85 -9.51 9.14
CA GLN C 124 -37.98 -8.29 8.34
C GLN C 124 -36.74 -8.03 7.48
N ILE C 125 -35.58 -8.16 8.09
CA ILE C 125 -34.29 -7.96 7.44
C ILE C 125 -34.17 -8.86 6.23
N LEU C 126 -34.58 -10.12 6.41
CA LEU C 126 -34.54 -11.13 5.37
C LEU C 126 -35.36 -10.81 4.12
N ASN C 127 -36.24 -9.81 4.22
CA ASN C 127 -37.14 -9.41 3.13
C ASN C 127 -37.68 -10.61 2.32
N GLY C 128 -38.15 -11.65 3.02
CA GLY C 128 -38.87 -12.75 2.39
C GLY C 128 -38.06 -13.84 1.72
N MET C 129 -36.76 -13.59 1.58
CA MET C 129 -35.76 -14.61 1.20
C MET C 129 -35.83 -15.75 2.18
N ASP C 130 -35.60 -16.98 1.73
CA ASP C 130 -35.64 -18.07 2.72
C ASP C 130 -34.30 -18.70 3.08
N GLU C 131 -33.75 -18.20 4.18
CA GLU C 131 -32.59 -18.79 4.81
C GLU C 131 -32.93 -19.18 6.24
N GLU C 132 -32.30 -20.24 6.72
CA GLU C 132 -32.41 -20.61 8.12
C GLU C 132 -31.25 -19.88 8.78
N LEU C 133 -31.56 -18.98 9.70
CA LEU C 133 -30.49 -18.46 10.56
C LEU C 133 -30.57 -19.23 11.85
N GLY C 134 -29.41 -19.55 12.44
CA GLY C 134 -29.39 -20.35 13.68
C GLY C 134 -30.05 -19.71 14.90
N SER C 135 -30.44 -20.55 15.86
CA SER C 135 -30.75 -20.09 17.22
C SER C 135 -29.58 -19.21 17.69
N LEU C 136 -29.87 -18.15 18.46
CA LEU C 136 -28.78 -17.35 19.06
C LEU C 136 -27.93 -18.23 19.96
N GLU C 137 -28.58 -19.18 20.61
CA GLU C 137 -27.90 -20.17 21.45
C GLU C 137 -27.16 -21.21 20.60
N GLU C 138 -27.71 -21.53 19.42
CA GLU C 138 -27.02 -22.49 18.56
C GLU C 138 -25.73 -21.85 18.01
N LEU C 139 -25.74 -20.52 17.87
CA LEU C 139 -24.55 -19.77 17.44
C LEU C 139 -23.49 -19.75 18.53
N GLU C 140 -23.94 -19.62 19.78
CA GLU C 140 -23.05 -19.66 20.92
C GLU C 140 -22.34 -20.99 20.94
N LYS C 141 -23.08 -22.06 20.62
CA LYS C 141 -22.54 -23.43 20.64
C LYS C 141 -21.48 -23.62 19.59
N LYS C 142 -21.72 -23.08 18.40
CA LYS C 142 -20.76 -23.14 17.28
C LYS C 142 -19.61 -22.12 17.39
N ARG C 143 -19.71 -21.20 18.37
CA ARG C 143 -18.71 -20.11 18.53
C ARG C 143 -18.66 -19.27 17.25
N VAL C 144 -19.78 -18.63 16.95
CA VAL C 144 -19.96 -17.77 15.79
C VAL C 144 -20.74 -16.53 16.19
N CYS C 145 -20.32 -15.38 15.66
CA CYS C 145 -20.97 -14.11 15.92
C CYS C 145 -21.75 -13.69 14.70
N ARG C 146 -22.89 -13.07 14.91
CA ARG C 146 -23.68 -12.55 13.83
C ARG C 146 -23.57 -11.03 13.90
N ILE C 147 -23.09 -10.44 12.83
CA ILE C 147 -22.97 -9.00 12.74
C ILE C 147 -24.01 -8.51 11.76
N ILE C 148 -24.85 -7.57 12.20
CA ILE C 148 -25.88 -6.97 11.35
C ILE C 148 -25.42 -5.54 11.13
N THR C 149 -25.15 -5.21 9.88
CA THR C 149 -24.62 -3.92 9.49
C THR C 149 -25.32 -3.43 8.21
N THR C 150 -25.42 -2.12 8.02
CA THR C 150 -25.97 -1.65 6.75
C THR C 150 -24.89 -1.03 5.85
N ASP C 151 -23.63 -1.05 6.31
CA ASP C 151 -22.45 -0.64 5.51
C ASP C 151 -21.17 -1.42 5.88
N PHE C 152 -20.15 -1.33 5.01
CA PHE C 152 -18.84 -1.97 5.21
C PHE C 152 -17.77 -1.01 5.74
N PRO C 153 -17.36 -1.20 7.00
CA PRO C 153 -16.23 -0.44 7.52
C PRO C 153 -14.99 -1.09 6.94
N LEU C 154 -13.81 -0.48 7.05
CA LEU C 154 -12.63 -1.12 6.51
C LEU C 154 -12.44 -2.49 7.17
N TYR C 155 -12.50 -2.50 8.49
CA TYR C 155 -12.27 -3.70 9.27
C TYR C 155 -13.38 -3.92 10.29
N PHE C 156 -13.53 -5.17 10.68
CA PHE C 156 -14.41 -5.58 11.77
C PHE C 156 -13.53 -6.56 12.55
N VAL C 157 -13.77 -6.71 13.84
CA VAL C 157 -13.07 -7.75 14.62
C VAL C 157 -13.90 -8.22 15.82
N ILE C 158 -13.68 -9.46 16.24
CA ILE C 158 -14.33 -9.91 17.43
C ILE C 158 -13.26 -9.87 18.53
N MET C 159 -13.61 -9.27 19.67
CA MET C 159 -12.71 -9.21 20.79
C MET C 159 -13.43 -9.68 22.06
N SER C 160 -12.63 -10.02 23.08
CA SER C 160 -13.12 -10.51 24.36
C SER C 160 -12.72 -9.62 25.53
N ARG C 161 -13.72 -9.04 26.20
CA ARG C 161 -13.51 -8.11 27.33
C ARG C 161 -13.95 -8.73 28.65
N ALA D 3 23.59 26.45 -9.00
CA ALA D 3 22.91 25.28 -8.32
C ALA D 3 21.39 25.42 -8.32
N THR D 4 20.62 24.40 -8.74
CA THR D 4 19.14 24.50 -8.57
C THR D 4 18.63 23.78 -7.31
N GLY D 5 17.54 24.32 -6.74
CA GLY D 5 16.98 23.83 -5.48
C GLY D 5 16.24 22.50 -5.65
N PHE D 6 16.22 21.70 -4.59
CA PHE D 6 15.30 20.60 -4.57
C PHE D 6 14.62 20.58 -3.22
N LEU D 7 13.42 20.01 -3.16
CA LEU D 7 12.76 19.72 -1.88
C LEU D 7 13.24 18.39 -1.23
N VAL D 8 13.20 17.30 -2.00
CA VAL D 8 13.76 16.03 -1.50
C VAL D 8 14.30 15.10 -2.56
N SER D 9 14.20 15.52 -3.81
CA SER D 9 14.55 14.67 -4.94
C SER D 9 15.03 15.38 -6.21
N PHE D 10 15.89 14.72 -6.99
CA PHE D 10 16.34 15.29 -8.30
C PHE D 10 16.94 14.25 -9.23
N MET D 11 16.82 14.51 -10.49
CA MET D 11 17.52 13.69 -11.46
C MET D 11 18.99 14.10 -11.68
N VAL D 12 19.88 13.12 -11.80
CA VAL D 12 21.31 13.38 -12.12
C VAL D 12 21.87 12.28 -13.01
N ASP D 13 22.67 12.63 -14.00
CA ASP D 13 23.29 11.60 -14.82
C ASP D 13 24.79 11.83 -14.86
N ALA D 14 25.44 11.43 -15.95
CA ALA D 14 26.92 11.46 -16.03
C ALA D 14 27.46 12.88 -16.09
N ARG D 15 26.63 13.83 -16.48
CA ARG D 15 27.08 15.20 -16.57
C ARG D 15 27.32 15.77 -15.18
N GLY D 16 26.80 15.07 -14.18
CA GLY D 16 26.73 15.56 -12.81
C GLY D 16 25.82 16.77 -12.60
N GLY D 17 26.00 17.42 -11.46
CA GLY D 17 25.20 18.57 -11.09
C GLY D 17 25.46 18.96 -9.63
N SER D 18 25.17 20.22 -9.31
CA SER D 18 25.31 20.75 -7.97
C SER D 18 23.91 21.15 -7.47
N MET D 19 23.49 20.63 -6.33
CA MET D 19 22.13 20.87 -5.81
C MET D 19 22.08 21.38 -4.35
N ARG D 20 21.22 22.33 -4.04
CA ARG D 20 21.04 22.86 -2.66
C ARG D 20 19.58 22.68 -2.35
N GLY D 21 19.20 22.44 -1.10
CA GLY D 21 17.78 22.37 -0.83
C GLY D 21 17.16 23.77 -0.93
N SER D 22 16.01 23.90 -1.63
CA SER D 22 15.23 25.13 -1.63
C SER D 22 14.77 25.57 -0.26
N ARG D 23 14.53 24.58 0.59
CA ARG D 23 14.03 24.83 1.91
C ARG D 23 15.16 25.16 2.81
N HIS D 24 16.31 24.53 2.56
CA HIS D 24 17.49 24.68 3.43
C HIS D 24 18.73 24.82 2.58
N ASN D 25 19.09 26.08 2.36
CA ASN D 25 20.17 26.46 1.48
C ASN D 25 21.48 25.73 1.76
N GLY D 26 21.79 25.51 3.03
CA GLY D 26 23.06 24.92 3.42
C GLY D 26 23.23 23.45 3.08
N LEU D 27 22.14 22.77 2.81
CA LEU D 27 22.22 21.37 2.47
C LEU D 27 22.53 21.26 1.03
N ARG D 28 23.61 20.57 0.73
CA ARG D 28 24.13 20.62 -0.63
C ARG D 28 24.60 19.27 -1.09
N VAL D 29 24.37 18.96 -2.36
CA VAL D 29 24.83 17.73 -2.95
C VAL D 29 25.52 18.02 -4.28
N VAL D 30 26.76 17.56 -4.40
CA VAL D 30 27.53 17.83 -5.62
C VAL D 30 27.90 16.51 -6.21
N ILE D 31 27.38 16.22 -7.39
CA ILE D 31 27.69 14.96 -8.00
C ILE D 31 28.45 15.31 -9.25
N PRO D 32 29.80 15.21 -9.18
CA PRO D 32 30.74 15.62 -10.24
C PRO D 32 30.52 14.87 -11.55
N PRO D 33 31.01 15.43 -12.68
CA PRO D 33 30.89 14.81 -13.99
C PRO D 33 31.55 13.46 -13.98
N ARG D 34 30.98 12.52 -14.71
CA ARG D 34 31.55 11.18 -14.87
C ARG D 34 31.63 10.38 -13.57
N THR D 35 30.99 10.84 -12.50
CA THR D 35 30.92 10.05 -11.26
C THR D 35 29.67 9.19 -11.12
N CYS D 36 28.57 9.63 -11.72
CA CYS D 36 27.34 8.85 -11.77
C CYS D 36 27.23 8.16 -13.12
N ALA D 37 27.05 6.84 -13.08
CA ALA D 37 27.09 6.01 -14.29
C ALA D 37 25.84 6.02 -15.15
N ALA D 38 24.72 6.56 -14.62
CA ALA D 38 23.47 6.49 -15.32
C ALA D 38 22.48 7.56 -14.85
N PRO D 39 21.43 7.85 -15.64
CA PRO D 39 20.40 8.71 -15.01
C PRO D 39 19.88 8.01 -13.80
N THR D 40 19.78 8.75 -12.72
CA THR D 40 19.52 8.16 -11.42
C THR D 40 18.75 9.17 -10.63
N ARG D 41 17.78 8.69 -9.86
CA ARG D 41 16.96 9.64 -9.10
C ARG D 41 17.49 9.66 -7.68
N ILE D 42 17.97 10.82 -7.30
CA ILE D 42 18.54 10.95 -6.02
C ILE D 42 17.47 11.48 -5.11
N THR D 43 17.37 10.92 -3.92
CA THR D 43 16.50 11.46 -2.88
C THR D 43 17.35 11.81 -1.66
N CYS D 44 16.88 12.79 -0.90
CA CYS D 44 17.60 13.21 0.27
C CYS D 44 16.57 13.72 1.26
N ARG D 45 16.45 13.06 2.41
CA ARG D 45 15.43 13.48 3.37
C ARG D 45 16.10 13.66 4.70
N LEU D 46 15.55 14.59 5.46
CA LEU D 46 15.95 14.87 6.81
C LEU D 46 14.84 14.33 7.72
N VAL D 47 15.16 13.20 8.34
CA VAL D 47 14.25 12.45 9.17
C VAL D 47 14.55 12.76 10.63
N LYS D 48 13.49 12.89 11.43
CA LYS D 48 13.64 13.12 12.87
C LYS D 48 14.10 11.79 13.49
N PRO D 49 15.05 11.86 14.42
CA PRO D 49 15.59 10.65 15.07
C PRO D 49 14.53 9.72 15.68
N GLN D 50 13.44 10.24 16.25
CA GLN D 50 12.44 9.36 16.87
C GLN D 50 11.50 8.59 15.90
N LYS D 51 11.63 8.84 14.60
CA LYS D 51 10.98 7.99 13.58
C LYS D 51 11.74 6.68 13.41
N LEU D 52 13.00 6.65 13.82
CA LEU D 52 13.82 5.46 13.61
C LEU D 52 13.55 4.50 14.71
N SER D 53 13.46 3.23 14.36
CA SER D 53 13.18 2.20 15.37
C SER D 53 14.42 1.91 16.21
N THR D 54 15.60 1.95 15.57
CA THR D 54 16.88 2.00 16.31
C THR D 54 17.71 3.20 15.88
N PRO D 55 17.69 4.25 16.70
CA PRO D 55 18.44 5.46 16.45
C PRO D 55 19.88 5.31 16.90
N PRO D 56 20.72 6.34 16.69
CA PRO D 56 22.12 6.16 17.07
C PRO D 56 22.27 6.02 18.57
N PRO D 57 22.95 4.94 19.04
CA PRO D 57 23.27 4.77 20.45
C PRO D 57 24.22 5.87 20.92
N LEU D 58 23.87 6.60 21.96
CA LEU D 58 24.74 7.64 22.46
C LEU D 58 25.13 7.41 23.90
N ALA D 59 26.36 7.79 24.23
CA ALA D 59 26.85 7.73 25.58
C ALA D 59 26.52 9.04 26.24
N GLU D 60 26.89 9.14 27.51
CA GLU D 60 26.49 10.22 28.40
C GLU D 60 26.61 11.65 27.81
N GLU D 61 27.80 12.02 27.37
CA GLU D 61 28.06 13.40 26.96
C GLU D 61 27.98 13.58 25.46
N GLU D 62 27.19 12.74 24.81
CA GLU D 62 27.05 12.76 23.36
C GLU D 62 25.68 13.25 22.96
N GLY D 63 25.57 13.87 21.79
CA GLY D 63 24.30 14.43 21.32
C GLY D 63 24.26 14.43 19.80
N LEU D 64 23.06 14.44 19.23
CA LEU D 64 22.95 14.52 17.77
C LEU D 64 23.05 15.98 17.45
N ALA D 65 23.66 16.26 16.32
CA ALA D 65 23.86 17.66 15.97
C ALA D 65 23.20 18.02 14.64
N SER D 66 22.50 17.04 14.07
CA SER D 66 21.62 17.23 12.92
C SER D 66 20.47 16.24 12.99
N ARG D 67 19.59 16.35 12.01
CA ARG D 67 18.65 15.31 11.74
C ARG D 67 19.34 14.14 11.10
N ILE D 68 18.64 13.03 11.01
CA ILE D 68 19.13 11.89 10.28
C ILE D 68 19.02 12.29 8.82
N ILE D 69 19.99 11.88 8.02
CA ILE D 69 20.02 12.21 6.62
C ILE D 69 19.95 10.92 5.86
N ALA D 70 18.89 10.81 5.07
CA ALA D 70 18.66 9.59 4.28
C ALA D 70 18.81 9.95 2.83
N LEU D 71 19.85 9.41 2.22
CA LEU D 71 20.17 9.69 0.85
C LEU D 71 19.91 8.42 0.13
N GLY D 72 19.34 8.56 -1.05
CA GLY D 72 19.02 7.42 -1.85
C GLY D 72 19.19 7.63 -3.33
N PRO D 73 19.15 6.52 -4.07
CA PRO D 73 18.73 5.21 -3.55
C PRO D 73 19.71 4.64 -2.56
N THR D 74 19.18 4.00 -1.54
CA THR D 74 19.99 3.33 -0.53
C THR D 74 20.92 2.35 -1.21
N GLY D 75 22.22 2.49 -0.94
CA GLY D 75 23.24 1.58 -1.45
C GLY D 75 23.82 1.91 -2.82
N ALA D 76 23.55 3.11 -3.31
CA ALA D 76 24.07 3.58 -4.59
C ALA D 76 25.59 3.71 -4.56
N GLN D 77 26.23 3.24 -5.62
CA GLN D 77 27.66 3.34 -5.77
C GLN D 77 28.00 4.36 -6.85
N PHE D 78 28.88 5.30 -6.56
CA PHE D 78 29.39 6.17 -7.61
C PHE D 78 30.80 5.70 -8.01
N LEU D 79 31.26 6.10 -9.20
CA LEU D 79 32.53 5.64 -9.74
C LEU D 79 33.69 6.44 -9.16
N SER D 80 33.34 7.51 -8.45
CA SER D 80 34.27 8.42 -7.78
C SER D 80 33.45 9.25 -6.81
N PRO D 81 34.05 9.66 -5.69
CA PRO D 81 33.45 10.35 -4.57
C PRO D 81 32.46 11.46 -4.91
N VAL D 82 31.38 11.53 -4.13
CA VAL D 82 30.44 12.61 -4.26
C VAL D 82 30.54 13.40 -2.97
N ILE D 83 30.08 14.65 -3.01
CA ILE D 83 30.17 15.55 -1.87
C ILE D 83 28.79 15.92 -1.36
N VAL D 84 28.63 15.89 -0.04
CA VAL D 84 27.35 16.26 0.58
C VAL D 84 27.68 17.22 1.72
N GLU D 85 27.01 18.35 1.75
CA GLU D 85 27.20 19.21 2.91
C GLU D 85 25.91 19.33 3.73
N ILE D 86 26.05 19.10 5.03
CA ILE D 86 24.96 19.06 5.97
C ILE D 86 25.11 20.11 7.05
N PRO D 87 24.11 20.99 7.22
CA PRO D 87 24.22 21.95 8.34
C PRO D 87 24.00 21.24 9.66
N HIS D 88 24.61 21.75 10.73
CA HIS D 88 24.45 21.15 12.07
C HIS D 88 24.19 22.19 13.15
N PHE D 89 23.85 21.74 14.36
CA PHE D 89 23.57 22.69 15.46
C PHE D 89 24.88 23.21 16.05
N ALA D 90 24.86 24.36 16.69
CA ALA D 90 26.02 24.76 17.46
C ALA D 90 26.11 23.69 18.53
N SER D 91 27.28 23.49 19.11
CA SER D 91 27.45 22.36 20.04
C SER D 91 27.76 22.83 21.46
N GLY D 95 31.34 18.66 27.30
CA GLY D 95 31.74 17.60 26.37
C GLY D 95 33.08 17.83 25.69
N ASP D 96 33.45 16.94 24.77
CA ASP D 96 34.56 17.21 23.84
C ASP D 96 33.96 17.96 22.64
N ARG D 97 34.40 19.20 22.42
CA ARG D 97 33.80 19.99 21.34
C ARG D 97 34.19 19.38 19.99
N GLU D 98 33.68 18.15 19.75
CA GLU D 98 34.05 17.30 18.61
C GLU D 98 32.89 16.72 17.81
N LEU D 99 32.92 16.93 16.50
CA LEU D 99 31.87 16.46 15.61
C LEU D 99 32.32 15.27 14.83
N VAL D 100 31.50 14.24 14.77
CA VAL D 100 31.86 13.08 13.96
C VAL D 100 30.69 12.77 13.11
N VAL D 101 30.92 12.05 12.02
CA VAL D 101 29.86 11.67 11.13
C VAL D 101 29.62 10.20 11.34
N LEU D 102 28.35 9.84 11.52
CA LEU D 102 28.04 8.45 11.72
C LEU D 102 27.25 8.00 10.54
N ARG D 103 27.32 6.71 10.23
CA ARG D 103 26.48 6.13 9.17
C ARG D 103 25.99 4.75 9.58
N SER D 104 24.82 4.38 9.09
CA SER D 104 24.28 3.08 9.35
C SER D 104 23.89 2.56 7.98
N GLU D 105 24.38 1.37 7.61
CA GLU D 105 24.12 0.81 6.27
C GLU D 105 22.66 0.42 6.03
N ASN D 106 22.10 -0.34 6.98
CA ASN D 106 20.76 -0.89 6.84
C ASN D 106 19.84 -0.37 7.94
N GLY D 107 20.38 0.49 8.79
CA GLY D 107 19.58 1.15 9.80
C GLY D 107 19.71 0.63 11.21
N SER D 108 20.29 -0.57 11.37
CA SER D 108 20.42 -1.19 12.71
C SER D 108 21.77 -1.01 13.40
N VAL D 109 22.83 -0.78 12.62
CA VAL D 109 24.16 -0.61 13.20
C VAL D 109 24.77 0.71 12.76
N TRP D 110 25.30 1.48 13.72
CA TRP D 110 25.94 2.77 13.43
C TRP D 110 27.46 2.75 13.65
N LYS D 111 28.21 3.11 12.61
CA LYS D 111 29.65 3.28 12.67
C LYS D 111 30.06 4.68 12.18
N GLU D 112 31.30 5.06 12.49
CA GLU D 112 31.83 6.38 12.13
C GLU D 112 32.21 6.31 10.68
N HIS D 113 32.00 7.40 9.96
CA HIS D 113 32.28 7.43 8.54
C HIS D 113 33.66 7.94 8.20
N ARG D 114 34.29 7.21 7.30
CA ARG D 114 35.65 7.45 6.87
C ARG D 114 35.75 7.29 5.36
N SER D 115 36.52 8.18 4.75
CA SER D 115 36.75 8.25 3.32
C SER D 115 38.25 8.16 3.01
N ARG D 116 38.63 7.49 1.93
CA ARG D 116 40.04 7.53 1.51
C ARG D 116 40.58 8.98 1.37
N TYR D 117 39.71 9.90 0.92
CA TYR D 117 40.11 11.19 0.31
C TYR D 117 40.35 12.45 1.15
N GLY D 118 39.29 13.12 1.58
CA GLY D 118 39.47 14.28 2.48
C GLY D 118 39.81 15.59 1.79
N GLU D 119 39.93 16.63 2.62
CA GLU D 119 40.28 18.02 2.23
C GLU D 119 41.00 18.27 0.90
N SER D 120 42.24 17.75 0.76
CA SER D 120 43.14 18.09 -0.37
C SER D 120 42.73 17.51 -1.74
N TYR D 121 42.00 16.39 -1.70
CA TYR D 121 41.53 15.70 -2.92
C TYR D 121 40.32 16.37 -3.56
N LEU D 122 39.77 17.41 -2.93
CA LEU D 122 38.60 18.12 -3.47
C LEU D 122 38.75 18.55 -4.94
N ASP D 123 39.86 19.22 -5.30
CA ASP D 123 40.07 19.66 -6.69
C ASP D 123 39.91 18.48 -7.66
N GLN D 124 40.65 17.41 -7.37
CA GLN D 124 40.61 16.19 -8.11
C GLN D 124 39.19 15.60 -8.10
N ILE D 125 38.56 15.59 -6.92
CA ILE D 125 37.21 15.08 -6.77
C ILE D 125 36.21 15.77 -7.70
N LEU D 126 36.37 17.09 -7.82
CA LEU D 126 35.47 17.94 -8.59
C LEU D 126 35.49 17.65 -10.09
N ASN D 127 36.51 16.92 -10.54
CA ASN D 127 36.73 16.57 -11.95
C ASN D 127 36.57 17.72 -12.95
N GLY D 128 37.08 18.90 -12.59
CA GLY D 128 37.04 20.04 -13.52
C GLY D 128 35.76 20.89 -13.61
N MET D 129 34.66 20.37 -13.05
CA MET D 129 33.43 21.14 -12.78
C MET D 129 33.78 22.38 -11.96
N ASP D 130 33.09 23.50 -12.16
CA ASP D 130 33.41 24.66 -11.30
C ASP D 130 32.37 24.96 -10.23
N GLU D 131 32.70 24.55 -9.01
CA GLU D 131 32.00 25.02 -7.83
C GLU D 131 32.99 25.63 -6.83
N GLU D 132 32.51 26.60 -6.07
CA GLU D 132 33.26 27.14 -4.92
C GLU D 132 32.81 26.33 -3.73
N LEU D 133 33.70 25.55 -3.17
CA LEU D 133 33.49 24.95 -1.86
C LEU D 133 34.14 25.86 -0.85
N GLY D 134 33.52 26.05 0.30
CA GLY D 134 34.03 27.01 1.27
C GLY D 134 35.32 26.60 1.96
N SER D 135 36.05 27.59 2.50
CA SER D 135 37.12 27.35 3.49
C SER D 135 36.64 26.33 4.55
N LEU D 136 37.50 25.42 4.96
CA LEU D 136 37.15 24.53 6.06
C LEU D 136 36.76 25.34 7.30
N GLU D 137 37.42 26.49 7.50
CA GLU D 137 37.11 27.46 8.58
C GLU D 137 35.83 28.28 8.34
N GLU D 138 35.45 28.45 7.07
CA GLU D 138 34.23 29.17 6.74
C GLU D 138 33.06 28.25 7.09
N LEU D 139 33.24 26.96 6.78
CA LEU D 139 32.28 25.93 7.15
C LEU D 139 32.08 25.87 8.67
N GLU D 140 33.16 26.02 9.43
CA GLU D 140 33.09 26.00 10.87
C GLU D 140 32.28 27.17 11.41
N LYS D 141 32.40 28.32 10.74
CA LYS D 141 31.68 29.53 11.11
C LYS D 141 30.19 29.45 10.77
N LYS D 142 29.88 28.88 9.62
CA LYS D 142 28.50 28.61 9.23
C LYS D 142 27.87 27.44 10.03
N ARG D 143 28.67 26.54 10.60
CA ARG D 143 28.19 25.35 11.32
C ARG D 143 27.59 24.37 10.29
N VAL D 144 28.47 23.93 9.39
CA VAL D 144 28.21 22.97 8.30
C VAL D 144 29.31 21.93 8.20
N CYS D 145 28.95 20.68 8.02
CA CYS D 145 29.89 19.60 7.88
C CYS D 145 29.96 19.20 6.42
N ARG D 146 31.14 18.78 5.99
CA ARG D 146 31.32 18.28 4.64
C ARG D 146 31.60 16.81 4.69
N ILE D 147 30.82 16.04 3.95
CA ILE D 147 30.94 14.58 3.96
C ILE D 147 31.37 14.20 2.57
N ILE D 148 32.44 13.41 2.48
CA ILE D 148 32.92 12.94 1.18
C ILE D 148 32.75 11.43 1.22
N THR D 149 31.88 10.91 0.34
CA THR D 149 31.48 9.51 0.32
C THR D 149 31.37 9.03 -1.12
N THR D 150 31.62 7.74 -1.36
CA THR D 150 31.44 7.25 -2.72
C THR D 150 30.26 6.26 -2.86
N ASP D 151 29.48 6.14 -1.78
CA ASP D 151 28.19 5.44 -1.81
C ASP D 151 27.20 6.04 -0.78
N PHE D 152 25.91 5.71 -0.91
CA PHE D 152 24.88 6.13 0.05
C PHE D 152 24.54 5.01 1.05
N PRO D 153 24.83 5.26 2.32
CA PRO D 153 24.32 4.40 3.38
C PRO D 153 22.81 4.73 3.58
N LEU D 154 22.04 3.91 4.29
CA LEU D 154 20.66 4.26 4.50
C LEU D 154 20.58 5.61 5.14
N TYR D 155 21.31 5.80 6.26
CA TYR D 155 21.31 7.07 7.05
C TYR D 155 22.72 7.57 7.39
N PHE D 156 22.82 8.89 7.53
CA PHE D 156 24.05 9.57 7.95
C PHE D 156 23.57 10.44 9.08
N VAL D 157 24.45 10.83 9.96
CA VAL D 157 24.05 11.79 10.98
C VAL D 157 25.28 12.50 11.58
N ILE D 158 25.09 13.73 12.03
CA ILE D 158 26.15 14.45 12.72
C ILE D 158 25.91 14.38 14.21
N MET D 159 26.92 13.94 14.96
CA MET D 159 26.84 13.84 16.42
C MET D 159 27.98 14.60 17.07
N SER D 160 27.83 14.85 18.37
CA SER D 160 28.84 15.54 19.16
C SER D 160 29.37 14.70 20.33
N ARG D 161 30.68 14.39 20.34
CA ARG D 161 31.30 13.56 21.39
C ARG D 161 32.31 14.32 22.22
HG HG E . -26.08 31.16 25.23
HG HG F . 32.52 -36.02 2.07
HG HG G . -24.26 -3.60 -2.93
HG HG H . -20.79 -12.14 19.30
HG HG I . -14.25 -14.25 4.35
HG HG J . 32.24 18.59 10.81
HG HG K . 17.72 17.00 1.89
HG HG L . 24.48 7.43 -9.61
#